data_3CXN
#
_entry.id   3CXN
#
_cell.length_a   135.225
_cell.length_b   89.418
_cell.length_c   66.042
_cell.angle_alpha   90.000
_cell.angle_beta   94.030
_cell.angle_gamma   90.000
#
_symmetry.space_group_name_H-M   'C 1 2 1'
#
loop_
_entity.id
_entity.type
_entity.pdbx_description
1 polymer 'Urease accessory protein ureF'
2 non-polymer GLYCEROL
3 water water
#
_entity_poly.entity_id   1
_entity_poly.type   'polypeptide(L)'
_entity_poly.pdbx_seq_one_letter_code
;(MSE)GSSHHHHHHSSGLVPRGSH(MSE)DKGKSVKSTEKSVG(MSE)PPKTPKTDNNAHVDNEFLILQVNDAVFPIGSY
THSFGLETYIQQKKVTNKESALEYLKANLSSQFLYTE(MSE)LSLKLTYESALQQDLKKILGVEEVI(MSE)LSTSP
(MSE)ELRLANQKLGNRFIKTLQA(MSE)NELD(MSE)GEFFNAYAQKTKDPTHATSYGVFAASLGIELKKALRHYLYAQ
TSN(MSE)VINCVKSVPLSQNDGQKILLSLQSPFNQLIEKTLELDESHLCTASVQNDIKA(MSE)QHESLYSRLY(MSE)
S
;
_entity_poly.pdbx_strand_id   A,B,C
#
loop_
_chem_comp.id
_chem_comp.type
_chem_comp.name
_chem_comp.formula
GOL non-polymer GLYCEROL 'C3 H8 O3'
#
# COMPACT_ATOMS: atom_id res chain seq x y z
N ALA A 47 28.24 14.52 8.01
CA ALA A 47 28.15 15.93 8.50
C ALA A 47 27.49 16.85 7.47
N HIS A 48 27.57 16.48 6.19
CA HIS A 48 26.96 17.24 5.09
C HIS A 48 25.56 16.69 4.75
N VAL A 49 25.25 15.50 5.28
CA VAL A 49 23.94 14.87 5.06
C VAL A 49 22.93 15.40 6.08
N ASP A 50 21.75 15.77 5.59
CA ASP A 50 20.66 16.24 6.43
C ASP A 50 19.52 15.23 6.30
N ASN A 51 19.25 14.49 7.37
CA ASN A 51 18.16 13.50 7.36
C ASN A 51 16.80 14.09 7.04
N GLU A 52 16.58 15.35 7.42
CA GLU A 52 15.33 16.05 7.11
C GLU A 52 15.16 16.22 5.61
N PHE A 53 16.28 16.36 4.88
CA PHE A 53 16.19 16.42 3.43
C PHE A 53 16.28 15.03 2.79
N LEU A 54 17.08 14.13 3.35
CA LEU A 54 17.21 12.79 2.78
C LEU A 54 15.91 12.01 2.82
N ILE A 55 15.13 12.19 3.90
CA ILE A 55 13.84 11.48 4.00
C ILE A 55 12.87 11.93 2.89
N LEU A 56 12.93 13.21 2.51
CA LEU A 56 12.14 13.70 1.38
C LEU A 56 12.67 13.14 0.07
N GLN A 57 14.00 13.12 -0.05
CA GLN A 57 14.62 12.65 -1.27
C GLN A 57 14.28 11.21 -1.58
N VAL A 58 14.40 10.33 -0.58
CA VAL A 58 14.20 8.91 -0.85
C VAL A 58 12.72 8.52 -1.02
N ASN A 59 11.81 9.39 -0.57
CA ASN A 59 10.37 9.18 -0.75
C ASN A 59 9.75 9.92 -1.93
N ASP A 60 10.58 10.68 -2.64
CA ASP A 60 10.12 11.41 -3.82
C ASP A 60 9.80 10.39 -4.92
N ALA A 61 8.73 10.63 -5.68
CA ALA A 61 8.36 9.79 -6.81
C ALA A 61 9.47 9.61 -7.83
N VAL A 62 10.39 10.58 -7.90
CA VAL A 62 11.50 10.49 -8.86
C VAL A 62 12.67 9.65 -8.38
N PHE A 63 12.68 9.28 -7.09
CA PHE A 63 13.74 8.42 -6.58
C PHE A 63 13.69 7.18 -7.46
N PRO A 64 14.79 6.92 -8.22
CA PRO A 64 14.74 6.04 -9.39
C PRO A 64 14.81 4.56 -9.06
N ILE A 65 13.76 4.05 -8.44
CA ILE A 65 13.71 2.65 -8.04
C ILE A 65 12.73 1.80 -8.87
N GLY A 66 12.08 2.44 -9.84
CA GLY A 66 11.01 1.79 -10.63
C GLY A 66 9.66 2.12 -10.02
N SER A 67 8.57 1.75 -10.70
CA SER A 67 7.23 2.06 -10.21
C SER A 67 6.76 1.13 -9.10
N TYR A 68 6.06 1.69 -8.12
CA TYR A 68 5.45 0.90 -7.04
C TYR A 68 4.46 -0.12 -7.64
N THR A 69 4.20 -1.19 -6.90
CA THR A 69 3.44 -2.33 -7.43
C THR A 69 1.97 -2.41 -6.98
N HIS A 70 1.50 -1.38 -6.27
CA HIS A 70 0.10 -1.35 -5.81
C HIS A 70 -0.89 -1.45 -6.97
N SER A 71 -0.48 -0.93 -8.13
CA SER A 71 -1.29 -0.94 -9.36
C SER A 71 -1.82 -2.32 -9.74
N PHE A 72 -1.09 -3.36 -9.33
CA PHE A 72 -1.40 -4.75 -9.67
C PHE A 72 -2.85 -5.16 -9.34
N GLY A 73 -3.26 -4.98 -8.09
CA GLY A 73 -4.58 -5.45 -7.62
C GLY A 73 -5.79 -4.57 -7.93
N LEU A 74 -5.55 -3.33 -8.32
CA LEU A 74 -6.64 -2.37 -8.57
C LEU A 74 -7.31 -2.55 -9.92
N GLU A 75 -6.56 -3.03 -10.91
CA GLU A 75 -7.06 -3.04 -12.29
C GLU A 75 -8.29 -3.91 -12.54
N THR A 76 -8.44 -4.99 -11.77
CA THR A 76 -9.67 -5.81 -11.87
C THR A 76 -10.88 -5.06 -11.33
N TYR A 77 -10.68 -4.28 -10.26
CA TYR A 77 -11.77 -3.47 -9.69
C TYR A 77 -12.32 -2.41 -10.64
N ILE A 78 -11.46 -1.79 -11.45
CA ILE A 78 -11.92 -0.79 -12.44
C ILE A 78 -12.61 -1.46 -13.62
N GLN A 79 -11.96 -2.48 -14.17
CA GLN A 79 -12.45 -3.18 -15.35
C GLN A 79 -13.79 -3.84 -15.07
N GLN A 80 -13.94 -4.39 -13.86
CA GLN A 80 -15.22 -4.93 -13.44
C GLN A 80 -16.16 -3.87 -12.85
N LYS A 81 -15.75 -2.60 -12.94
CA LYS A 81 -16.61 -1.46 -12.59
C LYS A 81 -17.05 -1.42 -11.12
N LYS A 82 -16.12 -1.72 -10.22
CA LYS A 82 -16.37 -1.65 -8.79
C LYS A 82 -15.88 -0.32 -8.24
N VAL A 83 -14.75 0.16 -8.76
CA VAL A 83 -14.21 1.47 -8.37
C VAL A 83 -14.49 2.37 -9.56
N THR A 84 -15.43 3.29 -9.37
CA THR A 84 -16.00 4.07 -10.47
C THR A 84 -16.02 5.58 -10.23
N ASN A 85 -15.71 5.99 -9.01
CA ASN A 85 -15.83 7.38 -8.59
C ASN A 85 -15.01 7.63 -7.34
N LYS A 86 -15.03 8.85 -6.81
CA LYS A 86 -14.16 9.17 -5.66
C LYS A 86 -14.55 8.40 -4.40
N GLU A 87 -15.85 8.20 -4.20
CA GLU A 87 -16.35 7.48 -3.03
C GLU A 87 -15.93 6.02 -3.02
N SER A 88 -16.11 5.33 -4.15
CA SER A 88 -15.70 3.92 -4.24
C SER A 88 -14.18 3.75 -4.26
N ALA A 89 -13.47 4.72 -4.84
CA ALA A 89 -11.99 4.71 -4.77
C ALA A 89 -11.54 4.85 -3.32
N LEU A 90 -12.14 5.79 -2.59
CA LEU A 90 -11.80 6.00 -1.19
C LEU A 90 -12.05 4.74 -0.36
N GLU A 91 -13.21 4.11 -0.53
CA GLU A 91 -13.48 2.86 0.18
C GLU A 91 -12.51 1.73 -0.16
N TYR A 92 -12.18 1.59 -1.45
CA TYR A 92 -11.20 0.61 -1.91
C TYR A 92 -9.84 0.86 -1.27
N LEU A 93 -9.42 2.12 -1.27
CA LEU A 93 -8.12 2.47 -0.70
C LEU A 93 -8.07 2.22 0.81
N LYS A 94 -9.14 2.61 1.52
CA LYS A 94 -9.20 2.36 2.97
C LYS A 94 -9.07 0.87 3.23
N ALA A 95 -9.79 0.06 2.45
CA ALA A 95 -9.75 -1.39 2.68
C ALA A 95 -8.38 -1.96 2.37
N ASN A 96 -7.75 -1.47 1.31
CA ASN A 96 -6.45 -1.98 0.89
C ASN A 96 -5.38 -1.59 1.91
N LEU A 97 -5.44 -0.35 2.36
CA LEU A 97 -4.45 0.16 3.29
C LEU A 97 -4.49 -0.61 4.60
N SER A 98 -5.68 -1.05 5.02
CA SER A 98 -5.91 -1.72 6.31
CA SER A 98 -5.85 -1.71 6.31
C SER A 98 -5.69 -3.23 6.24
N SER A 99 -5.43 -3.76 5.05
CA SER A 99 -5.24 -5.21 4.90
C SER A 99 -3.78 -5.53 4.52
N GLN A 100 -3.50 -5.99 3.30
CA GLN A 100 -2.14 -6.41 2.92
C GLN A 100 -1.10 -5.29 3.13
N PHE A 101 -1.49 -4.05 2.84
CA PHE A 101 -0.52 -2.95 2.95
C PHE A 101 -0.08 -2.76 4.40
N LEU A 102 -1.02 -2.95 5.33
CA LEU A 102 -0.72 -2.82 6.75
C LEU A 102 0.06 -4.05 7.25
N TYR A 103 -0.50 -5.23 7.01
CA TYR A 103 0.04 -6.45 7.63
C TYR A 103 1.28 -6.99 6.94
N THR A 104 1.53 -6.55 5.71
CA THR A 104 2.80 -6.88 5.04
C THR A 104 3.71 -5.66 4.99
N GLU A 105 3.37 -4.63 4.23
CA GLU A 105 4.30 -3.57 3.98
CA GLU A 105 4.31 -3.53 3.99
C GLU A 105 4.65 -2.71 5.21
N MSE A 106 3.64 -2.08 5.83
CA MSE A 106 3.88 -1.21 6.97
CA MSE A 106 3.92 -1.21 6.96
C MSE A 106 4.51 -1.98 8.13
O MSE A 106 5.47 -1.53 8.76
CB MSE A 106 2.57 -0.56 7.41
CB MSE A 106 2.66 -0.45 7.40
CG MSE A 106 2.03 0.41 6.37
CG MSE A 106 2.19 0.56 6.39
SE MSE A 106 3.04 2.06 6.36
SE MSE A 106 0.60 1.47 7.04
CE MSE A 106 2.33 2.87 7.99
CE MSE A 106 1.42 2.64 8.37
N LEU A 107 3.93 -3.13 8.44
CA LEU A 107 4.44 -3.93 9.54
C LEU A 107 5.88 -4.37 9.29
N SER A 108 6.18 -4.79 8.05
CA SER A 108 7.54 -5.23 7.75
C SER A 108 8.54 -4.11 7.95
N LEU A 109 8.16 -2.90 7.56
CA LEU A 109 8.99 -1.71 7.77
C LEU A 109 9.28 -1.54 9.26
N LYS A 110 8.23 -1.60 10.09
CA LYS A 110 8.44 -1.42 11.52
CA LYS A 110 8.37 -1.46 11.54
C LYS A 110 9.33 -2.53 12.09
N LEU A 111 9.13 -3.76 11.63
CA LEU A 111 9.90 -4.88 12.18
C LEU A 111 11.37 -4.81 11.82
N THR A 112 11.69 -4.45 10.58
CA THR A 112 13.11 -4.35 10.24
C THR A 112 13.76 -3.12 10.87
N TYR A 113 12.98 -2.05 11.03
CA TYR A 113 13.46 -0.87 11.75
C TYR A 113 13.84 -1.28 13.17
N GLU A 114 12.91 -1.95 13.86
CA GLU A 114 13.14 -2.33 15.26
C GLU A 114 14.30 -3.30 15.40
N SER A 115 14.41 -4.24 14.48
CA SER A 115 15.48 -5.22 14.54
C SER A 115 16.82 -4.60 14.15
N ALA A 116 16.81 -3.61 13.28
CA ALA A 116 18.04 -2.89 12.96
C ALA A 116 18.58 -2.12 14.17
N LEU A 117 17.69 -1.51 14.95
CA LEU A 117 18.10 -0.84 16.20
C LEU A 117 18.70 -1.81 17.21
N GLN A 118 18.24 -3.06 17.17
CA GLN A 118 18.77 -4.13 18.03
C GLN A 118 20.01 -4.79 17.42
N GLN A 119 20.41 -4.30 16.24
CA GLN A 119 21.50 -4.88 15.44
C GLN A 119 21.34 -6.38 15.21
N ASP A 120 20.10 -6.76 14.87
CA ASP A 120 19.71 -8.14 14.72
C ASP A 120 19.39 -8.44 13.27
N LEU A 121 20.46 -8.74 12.53
CA LEU A 121 20.34 -9.07 11.12
C LEU A 121 19.55 -10.35 10.85
N LYS A 122 19.73 -11.36 11.71
CA LYS A 122 18.98 -12.59 11.55
C LYS A 122 17.47 -12.33 11.50
N LYS A 123 16.96 -11.48 12.40
CA LYS A 123 15.53 -11.22 12.46
C LYS A 123 15.05 -10.48 11.20
N ILE A 124 15.86 -9.55 10.72
CA ILE A 124 15.53 -8.80 9.50
C ILE A 124 15.42 -9.78 8.31
N LEU A 125 16.40 -10.66 8.16
CA LEU A 125 16.38 -11.63 7.09
C LEU A 125 15.18 -12.58 7.25
N GLY A 126 14.82 -12.89 8.50
CA GLY A 126 13.67 -13.77 8.78
C GLY A 126 12.36 -13.13 8.34
N VAL A 127 12.25 -11.83 8.54
CA VAL A 127 11.06 -11.09 8.10
C VAL A 127 10.99 -11.12 6.58
N GLU A 128 12.11 -10.82 5.91
CA GLU A 128 12.13 -10.86 4.45
C GLU A 128 11.80 -12.25 3.92
N GLU A 129 12.23 -13.28 4.65
CA GLU A 129 11.91 -14.65 4.24
C GLU A 129 10.41 -14.92 4.29
N VAL A 130 9.76 -14.54 5.39
CA VAL A 130 8.33 -14.69 5.51
C VAL A 130 7.61 -14.00 4.36
N ILE A 131 8.04 -12.78 4.02
CA ILE A 131 7.35 -12.03 2.99
C ILE A 131 7.53 -12.71 1.63
N MSE A 132 8.74 -13.17 1.35
CA MSE A 132 9.00 -13.83 0.07
C MSE A 132 8.15 -15.10 -0.07
O MSE A 132 7.64 -15.41 -1.15
CB MSE A 132 10.50 -14.15 -0.07
CG MSE A 132 10.86 -14.89 -1.35
SE MSE A 132 10.70 -16.80 -1.08
CE MSE A 132 12.11 -17.04 0.23
N LEU A 133 7.99 -15.81 1.03
CA LEU A 133 7.25 -17.08 1.02
C LEU A 133 5.75 -16.86 1.02
N SER A 134 5.32 -15.63 1.23
CA SER A 134 3.89 -15.32 1.34
C SER A 134 3.33 -14.59 0.13
N THR A 135 4.19 -14.15 -0.76
CA THR A 135 3.79 -13.26 -1.84
C THR A 135 3.25 -14.01 -3.07
N SER A 136 2.01 -13.67 -3.45
CA SER A 136 1.38 -14.15 -4.69
C SER A 136 0.78 -12.99 -5.46
N PRO A 137 0.80 -13.05 -6.81
CA PRO A 137 1.40 -14.10 -7.64
C PRO A 137 2.91 -13.89 -7.82
N MSE A 138 3.54 -14.82 -8.56
CA MSE A 138 4.99 -14.83 -8.76
C MSE A 138 5.55 -13.54 -9.36
O MSE A 138 6.62 -13.07 -8.96
CB MSE A 138 5.39 -16.08 -9.57
CG MSE A 138 6.59 -15.96 -10.51
SE MSE A 138 6.12 -15.20 -12.25
CE MSE A 138 4.72 -16.45 -12.81
N GLU A 139 4.81 -12.96 -10.32
CA GLU A 139 5.22 -11.73 -10.98
C GLU A 139 5.26 -10.53 -10.02
N LEU A 140 4.33 -10.49 -9.07
CA LEU A 140 4.32 -9.46 -8.02
C LEU A 140 5.49 -9.66 -7.07
N ARG A 141 5.79 -10.93 -6.76
CA ARG A 141 6.94 -11.29 -5.93
C ARG A 141 8.23 -10.74 -6.56
N LEU A 142 8.43 -11.05 -7.84
CA LEU A 142 9.60 -10.61 -8.60
C LEU A 142 9.71 -9.09 -8.66
N ALA A 143 8.58 -8.43 -8.95
CA ALA A 143 8.53 -6.97 -9.04
C ALA A 143 8.89 -6.31 -7.70
N ASN A 144 8.40 -6.89 -6.61
CA ASN A 144 8.71 -6.42 -5.27
C ASN A 144 10.20 -6.55 -4.93
N GLN A 145 10.80 -7.68 -5.31
CA GLN A 145 12.23 -7.88 -5.09
C GLN A 145 13.07 -6.87 -5.88
N LYS A 146 12.77 -6.75 -7.18
CA LYS A 146 13.41 -5.75 -8.03
C LYS A 146 13.35 -4.36 -7.40
N LEU A 147 12.19 -4.02 -6.84
CA LEU A 147 12.00 -2.73 -6.21
C LEU A 147 12.87 -2.58 -4.95
N GLY A 148 12.98 -3.66 -4.18
CA GLY A 148 13.80 -3.68 -2.97
C GLY A 148 15.27 -3.53 -3.27
N ASN A 149 15.75 -4.31 -4.23
CA ASN A 149 17.15 -4.24 -4.56
C ASN A 149 17.47 -2.87 -5.13
N ARG A 150 16.53 -2.27 -5.87
CA ARG A 150 16.81 -0.98 -6.49
C ARG A 150 16.86 0.18 -5.49
N PHE A 151 16.01 0.11 -4.44
CA PHE A 151 16.15 1.04 -3.31
C PHE A 151 17.57 0.99 -2.74
N ILE A 152 18.03 -0.22 -2.37
CA ILE A 152 19.39 -0.38 -1.82
C ILE A 152 20.47 0.12 -2.78
N LYS A 153 20.34 -0.26 -4.04
CA LYS A 153 21.36 0.11 -5.03
C LYS A 153 21.36 1.57 -5.38
N THR A 154 20.20 2.21 -5.28
CA THR A 154 20.14 3.65 -5.48
C THR A 154 20.87 4.36 -4.34
N LEU A 155 20.68 3.91 -3.11
CA LEU A 155 21.41 4.46 -1.96
C LEU A 155 22.90 4.28 -2.10
N GLN A 156 23.31 3.10 -2.55
CA GLN A 156 24.72 2.77 -2.69
C GLN A 156 25.40 3.58 -3.79
N ALA A 157 24.66 3.91 -4.85
CA ALA A 157 25.23 4.72 -5.95
C ALA A 157 25.62 6.10 -5.46
N MSE A 158 24.96 6.56 -4.41
CA MSE A 158 25.25 7.84 -3.79
CA MSE A 158 25.28 7.84 -3.80
C MSE A 158 26.49 7.69 -2.88
O MSE A 158 26.37 7.60 -1.66
CB MSE A 158 24.01 8.35 -3.03
CB MSE A 158 24.09 8.44 -3.07
CG MSE A 158 22.75 8.48 -3.91
CG MSE A 158 23.02 8.99 -3.99
SE MSE A 158 20.99 8.25 -3.04
SE MSE A 158 21.63 9.93 -3.00
CE MSE A 158 20.99 9.82 -1.88
CE MSE A 158 20.79 8.42 -2.07
N ASN A 159 27.67 7.68 -3.50
CA ASN A 159 28.95 7.45 -2.82
C ASN A 159 29.24 8.33 -1.61
N GLU A 160 28.65 9.52 -1.58
CA GLU A 160 28.93 10.48 -0.50
C GLU A 160 27.96 10.33 0.69
N LEU A 161 27.11 9.31 0.61
CA LEU A 161 26.24 8.94 1.71
C LEU A 161 26.80 7.70 2.39
N ASP A 162 27.10 7.81 3.68
CA ASP A 162 27.62 6.70 4.45
C ASP A 162 26.47 6.09 5.22
N MSE A 163 26.06 4.89 4.81
CA MSE A 163 24.93 4.20 5.43
C MSE A 163 25.33 3.49 6.73
O MSE A 163 24.47 3.06 7.51
CB MSE A 163 24.28 3.24 4.45
CG MSE A 163 23.42 3.89 3.37
SE MSE A 163 22.11 5.16 4.06
CE MSE A 163 21.23 3.99 5.38
N GLY A 164 26.63 3.37 6.99
CA GLY A 164 27.11 2.76 8.23
C GLY A 164 27.32 1.26 8.12
N GLU A 165 28.01 0.71 9.11
CA GLU A 165 28.41 -0.70 9.09
C GLU A 165 27.23 -1.66 9.03
N PHE A 166 26.18 -1.40 9.81
CA PHE A 166 25.08 -2.34 9.90
C PHE A 166 24.30 -2.41 8.60
N PHE A 167 23.99 -1.24 8.03
CA PHE A 167 23.26 -1.21 6.77
C PHE A 167 24.07 -1.89 5.67
N ASN A 168 25.38 -1.63 5.64
CA ASN A 168 26.23 -2.30 4.66
C ASN A 168 26.17 -3.81 4.77
N ALA A 169 26.20 -4.32 6.01
CA ALA A 169 26.13 -5.75 6.26
C ALA A 169 24.78 -6.31 5.80
N TYR A 170 23.73 -5.55 6.07
CA TYR A 170 22.40 -5.93 5.60
C TYR A 170 22.39 -6.00 4.07
N ALA A 171 22.95 -4.99 3.41
CA ALA A 171 22.96 -4.95 1.95
C ALA A 171 23.74 -6.12 1.34
N GLN A 172 24.80 -6.55 2.03
CA GLN A 172 25.56 -7.71 1.59
C GLN A 172 24.84 -9.05 1.77
N LYS A 173 23.94 -9.13 2.74
CA LYS A 173 23.38 -10.41 3.15
C LYS A 173 21.95 -10.61 2.68
N THR A 174 21.28 -9.52 2.30
CA THR A 174 19.85 -9.63 1.95
C THR A 174 19.64 -10.46 0.68
N LYS A 175 18.69 -11.40 0.73
CA LYS A 175 18.35 -12.26 -0.40
C LYS A 175 17.07 -11.78 -1.09
N ASP A 176 16.12 -11.32 -0.27
CA ASP A 176 14.81 -10.91 -0.78
C ASP A 176 14.43 -9.55 -0.19
N PRO A 177 15.18 -8.51 -0.55
CA PRO A 177 14.86 -7.18 -0.06
C PRO A 177 13.51 -6.73 -0.64
N THR A 178 12.81 -5.86 0.09
CA THR A 178 11.67 -5.13 -0.45
C THR A 178 11.88 -3.67 -0.14
N HIS A 179 11.13 -2.80 -0.83
CA HIS A 179 11.22 -1.38 -0.54
C HIS A 179 10.96 -1.10 0.95
N ALA A 180 9.90 -1.68 1.50
CA ALA A 180 9.56 -1.43 2.91
C ALA A 180 10.61 -1.96 3.88
N THR A 181 11.08 -3.18 3.66
CA THR A 181 12.05 -3.74 4.62
C THR A 181 13.40 -3.03 4.56
N SER A 182 13.86 -2.73 3.34
CA SER A 182 15.13 -2.02 3.19
CA SER A 182 15.13 -2.00 3.16
C SER A 182 15.03 -0.58 3.72
N TYR A 183 13.88 0.06 3.49
CA TYR A 183 13.67 1.42 4.03
C TYR A 183 13.68 1.39 5.57
N GLY A 184 13.11 0.34 6.16
CA GLY A 184 13.13 0.25 7.62
C GLY A 184 14.55 0.20 8.16
N VAL A 185 15.41 -0.60 7.52
CA VAL A 185 16.82 -0.67 7.95
C VAL A 185 17.51 0.67 7.70
N PHE A 186 17.24 1.29 6.55
CA PHE A 186 17.79 2.62 6.20
C PHE A 186 17.44 3.66 7.26
N ALA A 187 16.16 3.71 7.64
CA ALA A 187 15.70 4.74 8.59
C ALA A 187 16.33 4.54 9.97
N ALA A 188 16.35 3.29 10.44
CA ALA A 188 16.97 3.01 11.73
C ALA A 188 18.46 3.36 11.74
N SER A 189 19.14 3.01 10.65
CA SER A 189 20.60 3.20 10.56
C SER A 189 21.00 4.67 10.61
N LEU A 190 20.14 5.53 10.08
CA LEU A 190 20.44 6.96 10.04
C LEU A 190 19.85 7.72 11.24
N GLY A 191 19.14 6.99 12.10
CA GLY A 191 18.58 7.57 13.31
C GLY A 191 17.30 8.37 13.11
N ILE A 192 16.56 8.06 12.06
CA ILE A 192 15.29 8.71 11.78
C ILE A 192 14.20 8.10 12.68
N GLU A 193 13.43 8.95 13.34
CA GLU A 193 12.37 8.51 14.25
C GLU A 193 11.35 7.64 13.49
N LEU A 194 10.91 6.56 14.13
CA LEU A 194 10.03 5.57 13.48
C LEU A 194 8.73 6.16 12.95
N LYS A 195 8.01 6.92 13.76
CA LYS A 195 6.72 7.42 13.32
C LYS A 195 6.91 8.34 12.12
N LYS A 196 7.97 9.15 12.15
CA LYS A 196 8.28 10.03 11.00
C LYS A 196 8.58 9.20 9.75
N ALA A 197 9.44 8.18 9.90
CA ALA A 197 9.78 7.33 8.78
C ALA A 197 8.51 6.69 8.20
N LEU A 198 7.63 6.21 9.08
CA LEU A 198 6.36 5.62 8.62
C LEU A 198 5.48 6.62 7.90
N ARG A 199 5.36 7.83 8.46
CA ARG A 199 4.51 8.89 7.87
CA ARG A 199 4.48 8.84 7.85
C ARG A 199 4.90 9.17 6.42
N HIS A 200 6.19 9.42 6.22
CA HIS A 200 6.67 9.78 4.88
C HIS A 200 6.47 8.62 3.89
N TYR A 201 6.79 7.40 4.34
CA TYR A 201 6.61 6.23 3.49
CA TYR A 201 6.60 6.22 3.50
C TYR A 201 5.12 6.03 3.15
N LEU A 202 4.26 6.06 4.16
CA LEU A 202 2.82 5.85 3.97
C LEU A 202 2.24 6.89 3.01
N TYR A 203 2.61 8.16 3.22
CA TYR A 203 2.12 9.22 2.31
C TYR A 203 2.59 8.95 0.88
N ALA A 204 3.87 8.64 0.71
CA ALA A 204 4.40 8.44 -0.65
C ALA A 204 3.70 7.27 -1.35
N GLN A 205 3.53 6.15 -0.65
CA GLN A 205 2.87 5.01 -1.27
C GLN A 205 1.44 5.30 -1.59
N THR A 206 0.75 5.99 -0.71
CA THR A 206 -0.67 6.28 -0.94
C THR A 206 -0.82 7.28 -2.09
N SER A 207 0.08 8.28 -2.17
CA SER A 207 0.02 9.21 -3.29
C SER A 207 0.08 8.42 -4.60
N ASN A 208 0.94 7.40 -4.65
CA ASN A 208 1.04 6.58 -5.85
C ASN A 208 -0.26 5.82 -6.11
N MSE A 209 -0.85 5.26 -5.07
CA MSE A 209 -2.13 4.55 -5.21
C MSE A 209 -3.22 5.49 -5.70
O MSE A 209 -4.02 5.11 -6.57
CB MSE A 209 -2.58 3.98 -3.87
CG MSE A 209 -1.72 2.86 -3.34
SE MSE A 209 -2.31 2.51 -1.52
CE MSE A 209 -0.73 1.68 -0.80
N VAL A 210 -3.28 6.68 -5.15
CA VAL A 210 -4.31 7.65 -5.56
C VAL A 210 -4.12 8.08 -7.01
N ILE A 211 -2.87 8.38 -7.40
CA ILE A 211 -2.62 8.71 -8.82
C ILE A 211 -3.04 7.56 -9.75
N ASN A 212 -2.81 6.33 -9.33
CA ASN A 212 -3.26 5.19 -10.12
C ASN A 212 -4.79 5.22 -10.30
N CYS A 213 -5.51 5.51 -9.22
CA CYS A 213 -6.96 5.65 -9.31
C CYS A 213 -7.33 6.80 -10.25
N VAL A 214 -6.69 7.93 -10.08
CA VAL A 214 -6.98 9.12 -10.90
C VAL A 214 -6.79 8.80 -12.38
N LYS A 215 -5.70 8.10 -12.71
CA LYS A 215 -5.42 7.79 -14.13
C LYS A 215 -6.29 6.68 -14.69
N SER A 216 -6.62 5.71 -13.85
CA SER A 216 -7.24 4.48 -14.32
C SER A 216 -8.76 4.49 -14.31
N VAL A 217 -9.38 5.16 -13.35
CA VAL A 217 -10.83 5.14 -13.29
C VAL A 217 -11.52 5.72 -14.56
N PRO A 218 -11.15 6.95 -15.00
CA PRO A 218 -10.29 7.96 -14.39
C PRO A 218 -11.07 8.88 -13.47
N LEU A 219 -10.33 9.66 -12.67
CA LEU A 219 -10.94 10.71 -11.85
C LEU A 219 -10.32 12.06 -12.18
N SER A 220 -10.97 13.12 -11.75
CA SER A 220 -10.34 14.43 -11.83
C SER A 220 -9.17 14.55 -10.85
N GLN A 221 -8.26 15.47 -11.15
CA GLN A 221 -7.17 15.73 -10.18
C GLN A 221 -7.73 16.20 -8.84
N ASN A 222 -8.78 17.01 -8.88
CA ASN A 222 -9.40 17.51 -7.64
C ASN A 222 -9.95 16.38 -6.78
N ASP A 223 -10.51 15.34 -7.41
CA ASP A 223 -10.99 14.19 -6.63
C ASP A 223 -9.83 13.48 -5.95
N GLY A 224 -8.68 13.41 -6.64
CA GLY A 224 -7.50 12.76 -6.02
C GLY A 224 -7.09 13.50 -4.76
N GLN A 225 -7.13 14.82 -4.81
CA GLN A 225 -6.81 15.65 -3.64
C GLN A 225 -7.80 15.49 -2.50
N LYS A 226 -9.09 15.38 -2.84
CA LYS A 226 -10.09 15.14 -1.82
C LYS A 226 -9.85 13.80 -1.15
N ILE A 227 -9.49 12.79 -1.94
CA ILE A 227 -9.21 11.46 -1.41
C ILE A 227 -8.02 11.51 -0.44
N LEU A 228 -6.94 12.17 -0.85
CA LEU A 228 -5.75 12.27 0.01
C LEU A 228 -6.07 12.98 1.30
N LEU A 229 -6.88 14.03 1.25
CA LEU A 229 -7.26 14.75 2.46
C LEU A 229 -8.10 13.83 3.37
N SER A 230 -9.06 13.12 2.77
CA SER A 230 -9.93 12.21 3.52
C SER A 230 -9.17 11.09 4.18
N LEU A 231 -8.00 10.75 3.62
CA LEU A 231 -7.21 9.67 4.19
C LEU A 231 -6.34 10.04 5.37
N GLN A 232 -6.30 11.33 5.74
CA GLN A 232 -5.36 11.74 6.79
C GLN A 232 -5.67 11.11 8.15
N SER A 233 -6.94 11.06 8.53
CA SER A 233 -7.28 10.37 9.78
CA SER A 233 -7.32 10.37 9.77
C SER A 233 -7.03 8.86 9.69
N PRO A 234 -7.50 8.20 8.60
CA PRO A 234 -7.08 6.81 8.40
C PRO A 234 -5.57 6.57 8.51
N PHE A 235 -4.77 7.49 7.97
CA PHE A 235 -3.32 7.35 8.06
C PHE A 235 -2.84 7.27 9.51
N ASN A 236 -3.34 8.17 10.34
CA ASN A 236 -2.97 8.17 11.75
C ASN A 236 -3.40 6.89 12.42
N GLN A 237 -4.58 6.39 12.07
CA GLN A 237 -5.03 5.10 12.63
C GLN A 237 -4.14 3.95 12.18
N LEU A 238 -3.71 4.00 10.91
CA LEU A 238 -2.83 2.94 10.40
C LEU A 238 -1.48 2.93 11.11
N ILE A 239 -0.93 4.12 11.35
CA ILE A 239 0.36 4.20 12.03
C ILE A 239 0.22 3.69 13.46
N GLU A 240 -0.84 4.10 14.14
CA GLU A 240 -1.03 3.63 15.52
C GLU A 240 -1.19 2.11 15.56
N LYS A 241 -1.94 1.57 14.61
CA LYS A 241 -2.11 0.11 14.56
C LYS A 241 -0.79 -0.60 14.24
N THR A 242 0.00 -0.07 13.31
CA THR A 242 1.28 -0.66 12.94
C THR A 242 2.13 -0.88 14.20
N LEU A 243 2.11 0.12 15.07
CA LEU A 243 2.90 0.09 16.28
C LEU A 243 2.45 -0.99 17.26
N GLU A 244 1.20 -1.43 17.14
CA GLU A 244 0.64 -2.46 18.03
C GLU A 244 0.91 -3.88 17.55
N LEU A 245 1.29 -4.02 16.28
CA LEU A 245 1.40 -5.34 15.65
C LEU A 245 2.81 -5.90 15.78
N ASP A 246 2.96 -7.21 15.59
CA ASP A 246 4.28 -7.81 15.68
C ASP A 246 4.46 -8.95 14.68
N GLU A 247 5.54 -9.71 14.83
CA GLU A 247 5.86 -10.78 13.89
C GLU A 247 4.72 -11.77 13.73
N SER A 248 3.95 -12.01 14.80
CA SER A 248 2.81 -12.96 14.72
C SER A 248 1.73 -12.48 13.76
N HIS A 249 1.74 -11.20 13.41
CA HIS A 249 0.75 -10.64 12.49
C HIS A 249 1.24 -10.51 11.05
N LEU A 250 2.55 -10.70 10.85
CA LEU A 250 3.15 -10.45 9.56
C LEU A 250 2.56 -11.36 8.49
N CYS A 251 2.16 -10.72 7.39
CA CYS A 251 1.59 -11.41 6.22
C CYS A 251 0.27 -12.15 6.51
N THR A 252 -0.44 -11.72 7.56
CA THR A 252 -1.71 -12.38 7.94
C THR A 252 -2.96 -11.85 7.26
N ALA A 253 -2.83 -10.75 6.53
CA ALA A 253 -3.97 -10.28 5.75
C ALA A 253 -3.80 -10.81 4.33
N ASN B 45 11.49 -39.09 2.33
CA ASN B 45 11.68 -37.70 2.82
C ASN B 45 10.69 -37.36 3.94
N ASN B 46 9.53 -38.04 3.94
CA ASN B 46 8.50 -37.71 4.93
C ASN B 46 8.40 -38.70 6.08
N ALA B 47 9.50 -39.40 6.35
CA ALA B 47 9.50 -40.39 7.44
C ALA B 47 9.15 -39.80 8.81
N HIS B 48 9.43 -38.52 9.01
CA HIS B 48 9.18 -37.84 10.28
C HIS B 48 7.79 -37.20 10.30
N VAL B 49 7.07 -37.29 9.18
CA VAL B 49 5.72 -36.69 9.07
C VAL B 49 4.68 -37.75 9.38
N ASP B 50 3.73 -37.40 10.25
CA ASP B 50 2.62 -38.29 10.58
C ASP B 50 1.34 -37.67 10.04
N ASN B 51 0.75 -38.30 9.03
CA ASN B 51 -0.46 -37.74 8.40
C ASN B 51 -1.62 -37.61 9.35
N GLU B 52 -1.62 -38.42 10.41
CA GLU B 52 -2.69 -38.38 11.41
C GLU B 52 -2.65 -37.09 12.20
N PHE B 53 -1.47 -36.52 12.39
CA PHE B 53 -1.36 -35.18 12.97
C PHE B 53 -1.42 -34.06 11.92
N LEU B 54 -0.83 -34.30 10.74
CA LEU B 54 -0.82 -33.26 9.73
C LEU B 54 -2.24 -32.91 9.30
N ILE B 55 -3.13 -33.90 9.20
CA ILE B 55 -4.52 -33.57 8.82
C ILE B 55 -5.21 -32.69 9.87
N LEU B 56 -4.85 -32.85 11.14
CA LEU B 56 -5.39 -31.96 12.18
C LEU B 56 -4.78 -30.57 12.03
N GLN B 57 -3.48 -30.54 11.75
CA GLN B 57 -2.76 -29.27 11.66
C GLN B 57 -3.30 -28.39 10.55
N VAL B 58 -3.56 -28.97 9.38
CA VAL B 58 -3.95 -28.13 8.23
C VAL B 58 -5.42 -27.70 8.29
N ASN B 59 -6.22 -28.42 9.08
CA ASN B 59 -7.64 -28.05 9.28
C ASN B 59 -7.91 -27.21 10.52
N ASP B 60 -6.86 -26.96 11.28
CA ASP B 60 -6.98 -26.13 12.48
C ASP B 60 -7.26 -24.69 12.08
N ALA B 61 -8.11 -24.00 12.84
CA ALA B 61 -8.41 -22.60 12.57
C ALA B 61 -7.15 -21.74 12.64
N VAL B 62 -6.14 -22.20 13.36
CA VAL B 62 -4.91 -21.41 13.38
C VAL B 62 -3.99 -21.63 12.17
N PHE B 63 -4.27 -22.62 11.32
CA PHE B 63 -3.46 -22.79 10.11
C PHE B 63 -3.55 -21.48 9.34
N PRO B 64 -2.41 -20.81 9.15
CA PRO B 64 -2.43 -19.38 8.81
C PRO B 64 -2.73 -19.02 7.35
N ILE B 65 -3.97 -19.24 6.94
CA ILE B 65 -4.34 -19.04 5.52
C ILE B 65 -5.43 -17.98 5.34
N GLY B 66 -5.93 -17.43 6.45
CA GLY B 66 -7.03 -16.47 6.39
C GLY B 66 -8.38 -17.12 6.73
N SER B 67 -9.42 -16.32 6.85
CA SER B 67 -10.72 -16.84 7.25
C SER B 67 -11.42 -17.49 6.09
N TYR B 68 -12.17 -18.55 6.39
CA TYR B 68 -13.02 -19.17 5.40
C TYR B 68 -14.08 -18.14 5.00
N THR B 69 -14.68 -18.32 3.83
CA THR B 69 -15.58 -17.28 3.24
C THR B 69 -17.10 -17.55 3.35
N HIS B 70 -17.48 -18.54 4.17
CA HIS B 70 -18.90 -18.89 4.32
C HIS B 70 -19.76 -17.77 4.88
N SER B 71 -19.15 -16.87 5.65
CA SER B 71 -19.85 -15.73 6.24
C SER B 71 -20.38 -14.79 5.17
N PHE B 72 -19.75 -14.79 4.00
CA PHE B 72 -20.19 -13.94 2.88
C PHE B 72 -21.67 -14.18 2.58
N GLY B 73 -22.02 -15.45 2.33
CA GLY B 73 -23.39 -15.86 1.99
C GLY B 73 -24.39 -15.70 3.13
N LEU B 74 -23.92 -15.86 4.38
CA LEU B 74 -24.79 -15.80 5.55
C LEU B 74 -25.29 -14.39 5.88
N GLU B 75 -24.47 -13.39 5.55
CA GLU B 75 -24.75 -12.00 5.93
C GLU B 75 -26.17 -11.54 5.54
N THR B 76 -26.62 -11.94 4.36
CA THR B 76 -27.95 -11.51 3.88
C THR B 76 -29.11 -12.17 4.65
N TYR B 77 -28.92 -13.42 5.04
CA TYR B 77 -29.94 -14.20 5.73
C TYR B 77 -30.30 -13.65 7.13
N ILE B 78 -29.35 -12.97 7.77
CA ILE B 78 -29.60 -12.41 9.10
C ILE B 78 -30.28 -11.04 9.01
N GLN B 79 -29.72 -10.15 8.19
CA GLN B 79 -30.30 -8.82 7.96
C GLN B 79 -31.75 -8.91 7.48
N GLN B 80 -32.03 -9.91 6.63
CA GLN B 80 -33.37 -10.09 6.08
C GLN B 80 -34.23 -11.11 6.84
N LYS B 81 -33.92 -11.31 8.11
CA LYS B 81 -34.79 -12.02 9.08
C LYS B 81 -35.01 -13.52 8.86
N LYS B 82 -34.25 -14.13 7.97
CA LYS B 82 -34.43 -15.55 7.66
C LYS B 82 -33.83 -16.44 8.76
N VAL B 83 -32.61 -16.12 9.18
CA VAL B 83 -31.93 -16.87 10.25
C VAL B 83 -32.00 -16.08 11.58
N THR B 84 -32.81 -16.57 12.53
CA THR B 84 -33.15 -15.85 13.76
C THR B 84 -32.95 -16.62 15.07
N ASN B 85 -32.75 -17.94 14.98
CA ASN B 85 -32.71 -18.83 16.15
C ASN B 85 -32.00 -20.13 15.79
N LYS B 86 -31.91 -21.07 16.72
CA LYS B 86 -31.19 -22.32 16.51
CA LYS B 86 -31.15 -22.30 16.46
C LYS B 86 -31.81 -23.15 15.37
N GLU B 87 -33.15 -23.17 15.35
CA GLU B 87 -33.89 -23.98 14.39
C GLU B 87 -33.72 -23.47 12.97
N SER B 88 -33.88 -22.17 12.77
CA SER B 88 -33.69 -21.59 11.43
C SER B 88 -32.23 -21.57 11.00
N ALA B 89 -31.30 -21.45 11.96
CA ALA B 89 -29.87 -21.60 11.64
C ALA B 89 -29.59 -23.02 11.16
N LEU B 90 -30.13 -24.01 11.87
CA LEU B 90 -29.95 -25.41 11.47
C LEU B 90 -30.49 -25.65 10.05
N GLU B 91 -31.69 -25.14 9.78
CA GLU B 91 -32.30 -25.24 8.44
C GLU B 91 -31.41 -24.61 7.37
N TYR B 92 -30.90 -23.42 7.64
CA TYR B 92 -30.05 -22.71 6.69
C TYR B 92 -28.78 -23.51 6.45
N LEU B 93 -28.20 -24.03 7.53
CA LEU B 93 -26.95 -24.76 7.38
C LEU B 93 -27.12 -26.05 6.58
N LYS B 94 -28.18 -26.81 6.85
CA LYS B 94 -28.46 -28.04 6.10
C LYS B 94 -28.67 -27.73 4.64
N ALA B 95 -29.41 -26.65 4.36
CA ALA B 95 -29.65 -26.27 2.96
C ALA B 95 -28.37 -25.87 2.26
N ASN B 96 -27.53 -25.10 2.95
CA ASN B 96 -26.27 -24.62 2.36
C ASN B 96 -25.33 -25.78 2.12
N LEU B 97 -25.26 -26.67 3.09
CA LEU B 97 -24.34 -27.79 3.01
C LEU B 97 -24.65 -28.67 1.83
N SER B 98 -25.95 -28.83 1.54
CA SER B 98 -26.40 -29.75 0.50
C SER B 98 -26.58 -29.10 -0.88
N SER B 99 -26.27 -27.80 -0.97
CA SER B 99 -26.36 -27.12 -2.27
C SER B 99 -24.98 -26.70 -2.77
N GLN B 100 -24.63 -25.43 -2.77
CA GLN B 100 -23.39 -24.94 -3.36
C GLN B 100 -22.15 -25.53 -2.67
N PHE B 101 -22.22 -25.67 -1.35
CA PHE B 101 -21.09 -26.26 -0.62
C PHE B 101 -20.80 -27.71 -1.06
N LEU B 102 -21.85 -28.45 -1.39
CA LEU B 102 -21.72 -29.82 -1.89
C LEU B 102 -21.28 -29.84 -3.36
N TYR B 103 -22.04 -29.17 -4.23
CA TYR B 103 -21.81 -29.29 -5.66
C TYR B 103 -20.62 -28.48 -6.19
N THR B 104 -20.12 -27.54 -5.37
CA THR B 104 -18.89 -26.83 -5.71
C THR B 104 -17.77 -27.26 -4.77
N GLU B 105 -17.84 -26.94 -3.48
CA GLU B 105 -16.66 -27.13 -2.65
CA GLU B 105 -16.66 -27.12 -2.66
C GLU B 105 -16.30 -28.59 -2.41
N MSE B 106 -17.22 -29.37 -1.84
CA MSE B 106 -16.90 -30.77 -1.54
CA MSE B 106 -16.93 -30.77 -1.54
C MSE B 106 -16.61 -31.57 -2.80
O MSE B 106 -15.64 -32.32 -2.87
CB MSE B 106 -18.04 -31.44 -0.75
CB MSE B 106 -18.10 -31.42 -0.79
CG MSE B 106 -18.30 -30.82 0.59
CG MSE B 106 -18.35 -30.82 0.57
SE MSE B 106 -19.65 -31.85 1.56
SE MSE B 106 -17.04 -31.46 1.83
CE MSE B 106 -18.61 -33.49 1.87
CE MSE B 106 -17.73 -33.26 2.16
N LEU B 107 -17.44 -31.41 -3.80
CA LEU B 107 -17.21 -32.13 -5.04
C LEU B 107 -15.86 -31.74 -5.64
N SER B 108 -15.52 -30.45 -5.62
CA SER B 108 -14.23 -30.04 -6.23
C SER B 108 -13.05 -30.71 -5.52
N LEU B 109 -13.16 -30.85 -4.19
CA LEU B 109 -12.12 -31.53 -3.40
C LEU B 109 -11.97 -32.97 -3.87
N LYS B 110 -13.08 -33.69 -4.02
CA LYS B 110 -13.06 -35.06 -4.52
CA LYS B 110 -13.04 -35.07 -4.50
C LYS B 110 -12.46 -35.14 -5.91
N LEU B 111 -12.85 -34.21 -6.79
CA LEU B 111 -12.38 -34.25 -8.18
C LEU B 111 -10.89 -34.02 -8.28
N THR B 112 -10.36 -33.05 -7.52
CA THR B 112 -8.92 -32.81 -7.66
C THR B 112 -8.10 -33.89 -6.95
N TYR B 113 -8.66 -34.46 -5.88
CA TYR B 113 -8.04 -35.63 -5.23
C TYR B 113 -7.90 -36.75 -6.25
N GLU B 114 -9.01 -37.08 -6.90
CA GLU B 114 -9.02 -38.21 -7.83
C GLU B 114 -8.12 -37.95 -9.02
N SER B 115 -8.16 -36.73 -9.54
CA SER B 115 -7.29 -36.37 -10.66
C SER B 115 -5.81 -36.38 -10.27
N ALA B 116 -5.51 -35.98 -9.04
CA ALA B 116 -4.13 -35.98 -8.56
C ALA B 116 -3.58 -37.42 -8.49
N LEU B 117 -4.42 -38.36 -8.06
CA LEU B 117 -4.01 -39.78 -8.07
C LEU B 117 -3.66 -40.24 -9.47
N GLN B 118 -4.32 -39.67 -10.48
CA GLN B 118 -4.07 -40.00 -11.89
C GLN B 118 -2.98 -39.13 -12.51
N GLN B 119 -2.43 -38.20 -11.72
CA GLN B 119 -1.44 -37.25 -12.21
C GLN B 119 -1.95 -36.44 -13.40
N ASP B 120 -3.24 -36.11 -13.34
CA ASP B 120 -3.89 -35.38 -14.41
C ASP B 120 -4.07 -33.91 -14.06
N LEU B 121 -3.00 -33.17 -14.24
CA LEU B 121 -2.99 -31.75 -13.93
C LEU B 121 -3.97 -31.00 -14.82
N LYS B 122 -4.08 -31.40 -16.09
CA LYS B 122 -5.02 -30.73 -16.98
C LYS B 122 -6.45 -30.76 -16.43
N LYS B 123 -6.86 -31.90 -15.90
CA LYS B 123 -8.21 -32.00 -15.35
C LYS B 123 -8.38 -31.13 -14.10
N ILE B 124 -7.35 -31.06 -13.26
CA ILE B 124 -7.37 -30.21 -12.06
C ILE B 124 -7.56 -28.74 -12.44
N LEU B 125 -6.76 -28.28 -13.40
CA LEU B 125 -6.87 -26.91 -13.83
C LEU B 125 -8.23 -26.67 -14.48
N GLY B 126 -8.77 -27.69 -15.16
CA GLY B 126 -10.09 -27.57 -15.77
C GLY B 126 -11.17 -27.37 -14.70
N VAL B 127 -11.07 -28.13 -13.62
CA VAL B 127 -12.00 -27.98 -12.50
C VAL B 127 -11.93 -26.57 -11.91
N GLU B 128 -10.71 -26.10 -11.67
CA GLU B 128 -10.53 -24.75 -11.12
C GLU B 128 -11.07 -23.68 -12.06
N GLU B 129 -10.95 -23.91 -13.37
CA GLU B 129 -11.49 -23.00 -14.36
C GLU B 129 -13.02 -22.92 -14.29
N VAL B 130 -13.68 -24.08 -14.22
CA VAL B 130 -15.13 -24.11 -14.08
C VAL B 130 -15.59 -23.34 -12.86
N ILE B 131 -14.91 -23.55 -11.72
CA ILE B 131 -15.31 -22.90 -10.48
C ILE B 131 -15.15 -21.40 -10.60
N MSE B 132 -14.01 -20.96 -11.12
CA MSE B 132 -13.72 -19.55 -11.21
C MSE B 132 -14.76 -18.88 -12.12
O MSE B 132 -15.23 -17.78 -11.80
CB MSE B 132 -12.31 -19.35 -11.77
CG MSE B 132 -11.88 -17.90 -11.98
SE MSE B 132 -12.43 -17.31 -13.74
CE MSE B 132 -11.20 -18.27 -14.83
N LEU B 133 -15.11 -19.54 -13.22
CA LEU B 133 -16.04 -18.97 -14.19
C LEU B 133 -17.48 -19.03 -13.73
N SER B 134 -17.71 -19.65 -12.57
CA SER B 134 -19.06 -19.82 -12.03
CA SER B 134 -19.05 -19.83 -12.04
C SER B 134 -19.31 -19.04 -10.75
N THR B 135 -18.25 -18.54 -10.11
CA THR B 135 -18.34 -17.91 -8.78
C THR B 135 -18.70 -16.42 -8.91
N SER B 136 -19.70 -16.01 -8.15
CA SER B 136 -20.14 -14.59 -8.04
C SER B 136 -20.40 -14.26 -6.56
N PRO B 137 -20.15 -12.99 -6.13
CA PRO B 137 -19.60 -11.89 -6.91
C PRO B 137 -18.08 -11.94 -6.99
N MSE B 138 -17.51 -11.00 -7.74
CA MSE B 138 -16.07 -10.96 -7.91
CA MSE B 138 -16.06 -10.86 -7.91
C MSE B 138 -15.33 -10.87 -6.56
O MSE B 138 -14.28 -11.50 -6.40
CB MSE B 138 -15.68 -9.86 -8.89
CB MSE B 138 -15.74 -9.57 -8.66
CG MSE B 138 -14.33 -9.25 -8.66
CG MSE B 138 -14.26 -9.41 -9.09
SE MSE B 138 -14.47 -7.71 -7.50
SE MSE B 138 -13.64 -7.54 -9.20
CE MSE B 138 -12.99 -6.74 -8.30
CE MSE B 138 -13.67 -7.12 -7.29
N GLU B 139 -15.86 -10.15 -5.58
CA GLU B 139 -15.21 -10.05 -4.28
C GLU B 139 -15.04 -11.42 -3.62
N LEU B 140 -16.06 -12.27 -3.76
CA LEU B 140 -15.97 -13.61 -3.20
C LEU B 140 -14.97 -14.47 -3.99
N ARG B 141 -15.00 -14.34 -5.30
CA ARG B 141 -14.04 -15.05 -6.13
C ARG B 141 -12.61 -14.72 -5.71
N LEU B 142 -12.31 -13.42 -5.57
CA LEU B 142 -10.96 -12.99 -5.17
C LEU B 142 -10.57 -13.49 -3.77
N ALA B 143 -11.53 -13.48 -2.85
CA ALA B 143 -11.30 -14.01 -1.51
C ALA B 143 -11.01 -15.51 -1.54
N ASN B 144 -11.75 -16.23 -2.40
CA ASN B 144 -11.52 -17.66 -2.53
C ASN B 144 -10.16 -17.97 -3.13
N GLN B 145 -9.73 -17.20 -4.13
CA GLN B 145 -8.43 -17.39 -4.79
C GLN B 145 -7.31 -17.10 -3.78
N LYS B 146 -7.52 -16.08 -2.94
CA LYS B 146 -6.52 -15.72 -1.93
C LYS B 146 -6.34 -16.85 -0.94
N LEU B 147 -7.46 -17.40 -0.48
CA LEU B 147 -7.42 -18.53 0.43
C LEU B 147 -6.71 -19.74 -0.16
N GLY B 148 -6.98 -20.05 -1.43
CA GLY B 148 -6.30 -21.18 -2.06
C GLY B 148 -4.81 -20.96 -2.20
N ASN B 149 -4.43 -19.77 -2.68
CA ASN B 149 -3.02 -19.44 -2.74
C ASN B 149 -2.35 -19.53 -1.38
N ARG B 150 -2.99 -19.04 -0.30
CA ARG B 150 -2.38 -19.06 1.01
C ARG B 150 -2.25 -20.47 1.53
N PHE B 151 -3.21 -21.34 1.20
CA PHE B 151 -3.10 -22.74 1.62
C PHE B 151 -1.83 -23.38 1.00
N ILE B 152 -1.66 -23.18 -0.31
CA ILE B 152 -0.50 -23.75 -0.99
C ILE B 152 0.81 -23.17 -0.40
N LYS B 153 0.85 -21.86 -0.23
CA LYS B 153 2.09 -21.21 0.26
C LYS B 153 2.42 -21.62 1.68
N THR B 154 1.41 -21.83 2.51
CA THR B 154 1.65 -22.22 3.89
C THR B 154 2.22 -23.63 3.93
N LEU B 155 1.71 -24.52 3.09
CA LEU B 155 2.33 -25.85 2.98
C LEU B 155 3.78 -25.75 2.51
N GLN B 156 4.01 -24.91 1.48
CA GLN B 156 5.37 -24.84 0.92
C GLN B 156 6.37 -24.21 1.88
N ALA B 157 5.90 -23.35 2.77
CA ALA B 157 6.80 -22.75 3.76
C ALA B 157 7.33 -23.78 4.76
N MSE B 158 6.64 -24.89 4.91
CA MSE B 158 7.13 -25.96 5.78
C MSE B 158 8.11 -26.80 4.97
O MSE B 158 7.75 -27.81 4.37
CB MSE B 158 5.99 -26.81 6.31
CG MSE B 158 5.23 -26.12 7.42
SE MSE B 158 3.86 -27.26 8.14
CE MSE B 158 2.66 -26.83 6.82
N ASN B 159 9.34 -26.32 4.92
CA ASN B 159 10.39 -26.91 4.08
C ASN B 159 10.69 -28.37 4.38
N GLU B 160 10.35 -28.83 5.59
CA GLU B 160 10.63 -30.21 5.97
CA GLU B 160 10.60 -30.20 6.01
C GLU B 160 9.48 -31.15 5.58
N LEU B 161 8.48 -30.62 4.89
CA LEU B 161 7.42 -31.43 4.31
C LEU B 161 7.62 -31.50 2.80
N ASP B 162 7.74 -32.71 2.28
CA ASP B 162 7.90 -32.92 0.84
C ASP B 162 6.54 -33.25 0.25
N MSE B 163 6.00 -32.33 -0.53
CA MSE B 163 4.68 -32.54 -1.12
C MSE B 163 4.71 -33.40 -2.37
O MSE B 163 3.66 -33.82 -2.87
CB MSE B 163 4.00 -31.19 -1.43
CG MSE B 163 3.67 -30.37 -0.17
SE MSE B 163 2.42 -31.33 0.94
CE MSE B 163 1.11 -31.90 -0.38
N GLY B 164 5.92 -33.66 -2.88
CA GLY B 164 6.06 -34.48 -4.08
C GLY B 164 5.98 -33.72 -5.38
N GLU B 165 6.49 -34.32 -6.45
CA GLU B 165 6.59 -33.58 -7.71
C GLU B 165 5.26 -33.17 -8.30
N PHE B 166 4.25 -34.02 -8.17
CA PHE B 166 2.97 -33.66 -8.77
C PHE B 166 2.39 -32.41 -8.09
N PHE B 167 2.41 -32.38 -6.76
CA PHE B 167 1.98 -31.17 -6.06
C PHE B 167 2.84 -29.96 -6.45
N ASN B 168 4.16 -30.16 -6.58
CA ASN B 168 5.02 -29.05 -7.00
C ASN B 168 4.55 -28.47 -8.32
N ALA B 169 4.24 -29.35 -9.27
CA ALA B 169 3.81 -28.93 -10.60
C ALA B 169 2.46 -28.21 -10.53
N TYR B 170 1.55 -28.76 -9.73
CA TYR B 170 0.26 -28.14 -9.55
C TYR B 170 0.44 -26.72 -9.01
N ALA B 171 1.28 -26.57 -7.99
CA ALA B 171 1.48 -25.26 -7.39
C ALA B 171 2.10 -24.26 -8.38
N GLN B 172 2.95 -24.76 -9.29
CA GLN B 172 3.59 -23.92 -10.29
C GLN B 172 2.60 -23.39 -11.33
N LYS B 173 1.58 -24.21 -11.62
CA LYS B 173 0.66 -23.96 -12.74
C LYS B 173 -0.71 -23.39 -12.36
N THR B 174 -1.14 -23.61 -11.13
CA THR B 174 -2.48 -23.17 -10.75
C THR B 174 -2.65 -21.66 -10.93
N LYS B 175 -3.78 -21.25 -11.51
CA LYS B 175 -4.11 -19.84 -11.69
C LYS B 175 -5.24 -19.41 -10.75
N ASP B 176 -6.18 -20.33 -10.51
CA ASP B 176 -7.35 -20.04 -9.71
C ASP B 176 -7.53 -21.12 -8.64
N PRO B 177 -6.56 -21.24 -7.74
CA PRO B 177 -6.65 -22.26 -6.69
C PRO B 177 -7.78 -21.90 -5.74
N THR B 178 -8.37 -22.93 -5.11
CA THR B 178 -9.27 -22.68 -3.98
C THR B 178 -8.78 -23.54 -2.86
N HIS B 179 -9.30 -23.26 -1.66
CA HIS B 179 -8.91 -24.10 -0.51
C HIS B 179 -9.28 -25.56 -0.79
N ALA B 180 -10.51 -25.79 -1.26
CA ALA B 180 -10.95 -27.19 -1.45
C ALA B 180 -10.15 -27.88 -2.55
N THR B 181 -9.91 -27.20 -3.67
CA THR B 181 -9.20 -27.89 -4.75
C THR B 181 -7.73 -28.17 -4.41
N SER B 182 -7.07 -27.19 -3.78
CA SER B 182 -5.67 -27.37 -3.38
CA SER B 182 -5.67 -27.35 -3.36
C SER B 182 -5.56 -28.43 -2.27
N TYR B 183 -6.52 -28.42 -1.35
CA TYR B 183 -6.55 -29.46 -0.31
C TYR B 183 -6.73 -30.85 -0.90
N GLY B 184 -7.57 -30.98 -1.92
CA GLY B 184 -7.70 -32.29 -2.60
C GLY B 184 -6.38 -32.79 -3.16
N VAL B 185 -5.62 -31.88 -3.79
CA VAL B 185 -4.32 -32.30 -4.36
C VAL B 185 -3.35 -32.65 -3.23
N PHE B 186 -3.32 -31.83 -2.19
CA PHE B 186 -2.51 -32.10 -1.01
C PHE B 186 -2.80 -33.47 -0.41
N ALA B 187 -4.07 -33.79 -0.21
CA ALA B 187 -4.42 -35.05 0.46
C ALA B 187 -4.02 -36.27 -0.37
N ALA B 188 -4.34 -36.22 -1.66
CA ALA B 188 -3.92 -37.31 -2.55
C ALA B 188 -2.40 -37.45 -2.58
N SER B 189 -1.68 -36.33 -2.63
CA SER B 189 -0.20 -36.35 -2.75
C SER B 189 0.45 -37.03 -1.58
N LEU B 190 -0.16 -36.92 -0.40
CA LEU B 190 0.41 -37.51 0.82
C LEU B 190 -0.18 -38.89 1.16
N GLY B 191 -1.13 -39.35 0.33
CA GLY B 191 -1.71 -40.67 0.58
C GLY B 191 -2.72 -40.69 1.72
N ILE B 192 -3.35 -39.55 1.98
CA ILE B 192 -4.41 -39.49 2.98
C ILE B 192 -5.71 -40.02 2.36
N GLU B 193 -6.37 -40.96 3.02
CA GLU B 193 -7.60 -41.56 2.52
C GLU B 193 -8.67 -40.48 2.23
N LEU B 194 -9.35 -40.63 1.11
CA LEU B 194 -10.33 -39.62 0.68
C LEU B 194 -11.43 -39.34 1.71
N LYS B 195 -12.07 -40.39 2.25
CA LYS B 195 -13.16 -40.18 3.20
C LYS B 195 -12.67 -39.43 4.43
N LYS B 196 -11.49 -39.78 4.92
CA LYS B 196 -10.91 -39.07 6.07
C LYS B 196 -10.63 -37.62 5.72
N ALA B 197 -10.01 -37.40 4.56
CA ALA B 197 -9.73 -36.04 4.14
C ALA B 197 -11.01 -35.20 4.09
N LEU B 198 -12.05 -35.78 3.51
CA LEU B 198 -13.34 -35.12 3.44
C LEU B 198 -13.95 -34.85 4.82
N ARG B 199 -13.91 -35.83 5.72
CA ARG B 199 -14.46 -35.65 7.07
CA ARG B 199 -14.46 -35.65 7.06
C ARG B 199 -13.82 -34.46 7.78
N HIS B 200 -12.48 -34.40 7.78
CA HIS B 200 -11.82 -33.33 8.53
C HIS B 200 -12.10 -31.95 7.91
N TYR B 201 -12.11 -31.89 6.58
CA TYR B 201 -12.38 -30.63 5.91
CA TYR B 201 -12.38 -30.64 5.90
C TYR B 201 -13.82 -30.20 6.18
N LEU B 202 -14.75 -31.14 6.02
CA LEU B 202 -16.18 -30.82 6.24
C LEU B 202 -16.45 -30.32 7.66
N TYR B 203 -15.86 -30.99 8.66
CA TYR B 203 -16.06 -30.55 10.04
C TYR B 203 -15.50 -29.13 10.22
N ALA B 204 -14.26 -28.91 9.73
CA ALA B 204 -13.65 -27.59 9.93
C ALA B 204 -14.49 -26.49 9.30
N GLN B 205 -14.97 -26.74 8.08
CA GLN B 205 -15.75 -25.69 7.43
C GLN B 205 -17.03 -25.45 8.15
N THR B 206 -17.66 -26.53 8.59
CA THR B 206 -18.97 -26.40 9.27
C THR B 206 -18.82 -25.74 10.64
N SER B 207 -17.75 -26.07 11.37
CA SER B 207 -17.49 -25.37 12.62
C SER B 207 -17.43 -23.87 12.38
N ASN B 208 -16.71 -23.45 11.33
CA ASN B 208 -16.69 -22.04 10.97
C ASN B 208 -18.09 -21.47 10.66
N MSE B 209 -18.88 -22.22 9.90
CA MSE B 209 -20.25 -21.77 9.55
C MSE B 209 -21.09 -21.61 10.81
O MSE B 209 -21.84 -20.62 10.95
CB MSE B 209 -20.94 -22.77 8.62
CG MSE B 209 -20.29 -22.91 7.29
SE MSE B 209 -21.22 -24.36 6.40
CE MSE B 209 -19.96 -24.69 4.97
N VAL B 210 -20.98 -22.57 11.72
CA VAL B 210 -21.82 -22.53 12.93
C VAL B 210 -21.39 -21.39 13.85
N ILE B 211 -20.09 -21.20 14.03
CA ILE B 211 -19.65 -20.11 14.90
C ILE B 211 -20.03 -18.75 14.29
N ASN B 212 -20.06 -18.65 12.96
CA ASN B 212 -20.52 -17.41 12.31
C ASN B 212 -21.96 -17.15 12.70
N CYS B 213 -22.78 -18.21 12.70
CA CYS B 213 -24.18 -18.09 13.13
C CYS B 213 -24.27 -17.70 14.60
N VAL B 214 -23.46 -18.33 15.44
CA VAL B 214 -23.48 -18.04 16.88
C VAL B 214 -23.18 -16.56 17.10
N LYS B 215 -22.16 -16.05 16.42
CA LYS B 215 -21.78 -14.63 16.60
C LYS B 215 -22.74 -13.65 15.96
N SER B 216 -23.25 -14.00 14.79
CA SER B 216 -24.01 -13.03 13.99
C SER B 216 -25.50 -12.95 14.26
N VAL B 217 -26.12 -14.06 14.66
CA VAL B 217 -27.57 -14.07 14.87
C VAL B 217 -28.02 -13.12 16.01
N PRO B 218 -27.45 -13.27 17.23
CA PRO B 218 -26.51 -14.26 17.75
C PRO B 218 -27.22 -15.43 18.41
N LEU B 219 -26.47 -16.49 18.71
CA LEU B 219 -26.98 -17.64 19.45
C LEU B 219 -26.11 -17.86 20.67
N SER B 220 -26.61 -18.66 21.61
CA SER B 220 -25.75 -19.11 22.70
C SER B 220 -24.71 -20.08 22.20
N GLN B 221 -23.62 -20.19 22.95
CA GLN B 221 -22.63 -21.22 22.62
C GLN B 221 -23.23 -22.63 22.68
N ASN B 222 -24.09 -22.87 23.66
CA ASN B 222 -24.74 -24.18 23.74
C ASN B 222 -25.56 -24.50 22.50
N ASP B 223 -26.28 -23.52 21.97
CA ASP B 223 -27.01 -23.76 20.70
C ASP B 223 -26.05 -24.12 19.56
N GLY B 224 -24.89 -23.47 19.51
CA GLY B 224 -23.87 -23.84 18.51
C GLY B 224 -23.48 -25.32 18.59
N GLN B 225 -23.23 -25.80 19.81
CA GLN B 225 -22.86 -27.20 20.02
C GLN B 225 -24.01 -28.16 19.71
N LYS B 226 -25.24 -27.79 20.06
CA LYS B 226 -26.39 -28.61 19.67
CA LYS B 226 -26.41 -28.58 19.67
C LYS B 226 -26.51 -28.72 18.15
N ILE B 227 -26.27 -27.61 17.45
CA ILE B 227 -26.32 -27.63 15.97
C ILE B 227 -25.25 -28.57 15.41
N LEU B 228 -24.02 -28.43 15.89
CA LEU B 228 -22.94 -29.30 15.39
C LEU B 228 -23.25 -30.77 15.65
N LEU B 229 -23.81 -31.09 16.81
CA LEU B 229 -24.17 -32.48 17.10
C LEU B 229 -25.25 -32.95 16.14
N SER B 230 -26.26 -32.12 15.90
CA SER B 230 -27.38 -32.43 14.98
CA SER B 230 -27.36 -32.50 15.01
C SER B 230 -26.91 -32.62 13.54
N LEU B 231 -25.79 -32.00 13.19
CA LEU B 231 -25.30 -32.13 11.81
C LEU B 231 -24.50 -33.39 11.54
N GLN B 232 -24.23 -34.22 12.55
CA GLN B 232 -23.37 -35.40 12.30
C GLN B 232 -23.97 -36.39 11.30
N SER B 233 -25.26 -36.68 11.40
CA SER B 233 -25.88 -37.56 10.41
C SER B 233 -25.90 -36.90 9.03
N PRO B 234 -26.37 -35.63 8.93
CA PRO B 234 -26.18 -34.91 7.66
C PRO B 234 -24.75 -34.98 7.10
N PHE B 235 -23.73 -34.89 7.96
CA PHE B 235 -22.36 -34.95 7.47
C PHE B 235 -22.09 -36.25 6.73
N ASN B 236 -22.51 -37.35 7.34
CA ASN B 236 -22.31 -38.65 6.72
C ASN B 236 -23.08 -38.76 5.41
N GLN B 237 -24.30 -38.23 5.39
CA GLN B 237 -25.09 -38.21 4.13
C GLN B 237 -24.36 -37.42 3.03
N LEU B 238 -23.77 -36.30 3.43
CA LEU B 238 -23.06 -35.43 2.50
CA LEU B 238 -23.06 -35.42 2.51
C LEU B 238 -21.81 -36.09 1.92
N ILE B 239 -21.04 -36.75 2.79
CA ILE B 239 -19.87 -37.47 2.28
C ILE B 239 -20.28 -38.58 1.32
N GLU B 240 -21.29 -39.37 1.69
CA GLU B 240 -21.73 -40.42 0.78
CA GLU B 240 -21.84 -40.42 0.81
C GLU B 240 -22.23 -39.84 -0.56
N LYS B 241 -22.93 -38.71 -0.53
CA LYS B 241 -23.40 -38.08 -1.77
C LYS B 241 -22.23 -37.56 -2.60
N THR B 242 -21.26 -36.94 -1.95
CA THR B 242 -20.07 -36.44 -2.64
C THR B 242 -19.41 -37.55 -3.47
N LEU B 243 -19.32 -38.75 -2.90
CA LEU B 243 -18.65 -39.86 -3.59
C LEU B 243 -19.45 -40.34 -4.81
N GLU B 244 -20.72 -39.98 -4.89
CA GLU B 244 -21.59 -40.37 -6.02
C GLU B 244 -21.52 -39.38 -7.18
N LEU B 245 -21.03 -38.18 -6.91
CA LEU B 245 -21.04 -37.12 -7.92
C LEU B 245 -19.78 -37.08 -8.77
N ASP B 246 -19.84 -36.40 -9.92
CA ASP B 246 -18.67 -36.28 -10.79
C ASP B 246 -18.62 -34.90 -11.49
N GLU B 247 -17.72 -34.73 -12.47
CA GLU B 247 -17.54 -33.43 -13.12
C GLU B 247 -18.83 -32.91 -13.70
N SER B 248 -19.72 -33.81 -14.12
CA SER B 248 -20.98 -33.39 -14.71
C SER B 248 -21.89 -32.65 -13.71
N HIS B 249 -21.58 -32.79 -12.41
CA HIS B 249 -22.40 -32.15 -11.37
C HIS B 249 -21.75 -30.90 -10.84
N LEU B 250 -20.52 -30.65 -11.25
CA LEU B 250 -19.74 -29.54 -10.67
C LEU B 250 -20.42 -28.22 -10.95
N CYS B 251 -20.61 -27.44 -9.87
CA CYS B 251 -21.18 -26.10 -9.92
C CYS B 251 -22.65 -26.07 -10.40
N THR B 252 -23.34 -27.21 -10.29
CA THR B 252 -24.73 -27.29 -10.77
C THR B 252 -25.77 -26.85 -9.76
N ALA B 253 -25.37 -26.58 -8.51
CA ALA B 253 -26.37 -26.15 -7.52
C ALA B 253 -26.83 -24.71 -7.75
N ASN C 45 -12.76 23.09 12.99
CA ASN C 45 -13.20 22.73 11.62
C ASN C 45 -12.22 21.80 10.91
N ASN C 46 -10.98 21.76 11.42
CA ASN C 46 -9.93 20.96 10.80
C ASN C 46 -9.45 19.80 11.67
N ALA C 47 -10.31 19.33 12.57
CA ALA C 47 -9.93 18.24 13.48
C ALA C 47 -9.47 16.98 12.73
N HIS C 48 -9.94 16.83 11.50
CA HIS C 48 -9.64 15.67 10.68
C HIS C 48 -8.45 15.92 9.76
N VAL C 49 -7.94 17.15 9.77
CA VAL C 49 -6.76 17.52 8.97
C VAL C 49 -5.50 17.39 9.83
N ASP C 50 -4.49 16.77 9.25
CA ASP C 50 -3.21 16.57 9.90
C ASP C 50 -2.18 17.33 9.08
N ASN C 51 -1.66 18.41 9.65
CA ASN C 51 -0.67 19.24 8.94
C ASN C 51 0.60 18.50 8.54
N GLU C 52 0.91 17.43 9.27
CA GLU C 52 2.08 16.61 8.98
C GLU C 52 1.94 15.92 7.62
N PHE C 53 0.70 15.57 7.29
CA PHE C 53 0.42 15.00 5.97
C PHE C 53 0.09 16.08 4.93
N LEU C 54 -0.64 17.12 5.35
CA LEU C 54 -1.03 18.17 4.39
C LEU C 54 0.22 18.82 3.78
N ILE C 55 1.27 19.01 4.57
CA ILE C 55 2.48 19.64 4.05
C ILE C 55 3.16 18.79 2.94
N LEU C 56 3.09 17.47 3.07
CA LEU C 56 3.56 16.57 2.05
C LEU C 56 2.67 16.64 0.81
N GLN C 57 1.36 16.68 1.04
CA GLN C 57 0.36 16.70 -0.01
C GLN C 57 0.51 17.90 -0.92
N VAL C 58 0.63 19.08 -0.32
CA VAL C 58 0.69 20.32 -1.14
C VAL C 58 2.03 20.52 -1.87
N ASN C 59 3.07 19.84 -1.41
CA ASN C 59 4.41 19.92 -2.04
C ASN C 59 4.69 18.77 -3.00
N ASP C 60 3.75 17.84 -3.09
CA ASP C 60 3.87 16.68 -3.97
C ASP C 60 3.80 17.21 -5.41
N ALA C 61 4.62 16.65 -6.31
CA ALA C 61 4.60 17.05 -7.72
C ALA C 61 3.22 16.85 -8.37
N VAL C 62 2.38 15.99 -7.81
CA VAL C 62 1.08 15.75 -8.41
C VAL C 62 0.04 16.78 -7.94
N PHE C 63 0.36 17.61 -6.94
CA PHE C 63 -0.58 18.62 -6.46
C PHE C 63 -0.93 19.49 -7.68
N PRO C 64 -2.21 19.49 -8.10
CA PRO C 64 -2.57 19.94 -9.46
C PRO C 64 -2.75 21.44 -9.64
N ILE C 65 -1.66 22.10 -9.95
CA ILE C 65 -1.69 23.56 -10.04
C ILE C 65 -1.43 24.05 -11.46
N GLY C 66 -1.92 23.27 -12.43
CA GLY C 66 -1.70 23.58 -13.85
C GLY C 66 -0.25 23.34 -14.26
N SER C 67 0.05 23.60 -15.53
CA SER C 67 1.39 23.32 -16.07
C SER C 67 2.27 24.56 -16.06
N GLY C 73 15.57 29.32 -17.70
CA GLY C 73 16.97 29.68 -17.93
C GLY C 73 17.84 28.49 -18.34
N LEU C 74 17.47 27.30 -17.87
CA LEU C 74 18.22 26.07 -18.16
C LEU C 74 18.33 25.77 -19.65
N GLU C 75 17.22 25.88 -20.38
CA GLU C 75 17.19 25.53 -21.81
C GLU C 75 18.21 26.31 -22.65
N THR C 76 18.34 27.61 -22.38
CA THR C 76 19.31 28.41 -23.12
C THR C 76 20.76 28.08 -22.71
N TYR C 77 20.98 27.77 -21.43
CA TYR C 77 22.31 27.31 -20.97
C TYR C 77 22.73 25.99 -21.61
N ILE C 78 21.76 25.10 -21.82
CA ILE C 78 22.03 23.87 -22.55
C ILE C 78 22.35 24.18 -24.01
N GLN C 79 21.54 25.04 -24.63
CA GLN C 79 21.76 25.50 -26.00
C GLN C 79 23.13 26.18 -26.18
N GLN C 80 23.52 26.98 -25.19
CA GLN C 80 24.78 27.74 -25.21
C GLN C 80 25.99 26.90 -24.81
N LYS C 81 25.73 25.61 -24.53
CA LYS C 81 26.76 24.63 -24.16
C LYS C 81 27.39 24.91 -22.76
N LYS C 82 26.68 25.66 -21.94
CA LYS C 82 27.16 26.01 -20.60
C LYS C 82 26.74 25.00 -19.53
N VAL C 83 25.64 24.28 -19.77
CA VAL C 83 25.24 23.15 -18.92
C VAL C 83 25.02 21.94 -19.82
N THR C 84 25.93 20.97 -19.74
CA THR C 84 25.88 19.83 -20.63
C THR C 84 26.28 18.51 -19.96
N ASN C 85 26.40 18.51 -18.63
CA ASN C 85 26.83 17.35 -17.89
C ASN C 85 26.52 17.54 -16.42
N LYS C 86 26.83 16.53 -15.60
CA LYS C 86 26.52 16.56 -14.18
C LYS C 86 27.20 17.71 -13.43
N GLU C 87 28.50 17.90 -13.67
CA GLU C 87 29.22 18.95 -12.97
C GLU C 87 28.70 20.36 -13.28
N SER C 88 28.47 20.66 -14.56
CA SER C 88 27.96 21.97 -14.94
C SER C 88 26.51 22.18 -14.47
N ALA C 89 25.72 21.10 -14.46
CA ALA C 89 24.37 21.16 -13.93
C ALA C 89 24.39 21.51 -12.43
N LEU C 90 25.27 20.86 -11.68
CA LEU C 90 25.41 21.17 -10.26
C LEU C 90 25.80 22.62 -10.02
N GLU C 91 26.77 23.13 -10.78
CA GLU C 91 27.17 24.51 -10.56
C GLU C 91 26.04 25.47 -10.90
N TYR C 92 25.29 25.16 -11.94
CA TYR C 92 24.14 25.96 -12.35
C TYR C 92 23.11 25.98 -11.21
N LEU C 93 22.82 24.81 -10.66
CA LEU C 93 21.80 24.71 -9.62
C LEU C 93 22.21 25.49 -8.36
N LYS C 94 23.48 25.36 -7.96
CA LYS C 94 24.02 26.11 -6.82
C LYS C 94 23.87 27.61 -7.04
N ALA C 95 24.21 28.08 -8.23
CA ALA C 95 24.12 29.49 -8.57
C ALA C 95 22.70 30.03 -8.44
N ASN C 96 21.73 29.34 -9.05
CA ASN C 96 20.38 29.88 -9.12
C ASN C 96 19.68 29.86 -7.76
N LEU C 97 20.04 28.88 -6.93
CA LEU C 97 19.55 28.84 -5.55
C LEU C 97 19.98 30.07 -4.78
N SER C 98 21.17 30.58 -5.11
CA SER C 98 21.75 31.75 -4.44
C SER C 98 21.21 33.08 -4.95
N SER C 99 20.74 33.13 -6.19
CA SER C 99 20.31 34.40 -6.77
C SER C 99 18.80 34.64 -6.62
N GLN C 100 18.08 34.68 -7.74
CA GLN C 100 16.65 35.03 -7.78
C GLN C 100 15.82 34.15 -6.84
N PHE C 101 16.14 32.86 -6.76
CA PHE C 101 15.35 31.94 -5.94
C PHE C 101 15.35 32.33 -4.46
N LEU C 102 16.51 32.78 -3.99
CA LEU C 102 16.64 33.28 -2.63
C LEU C 102 15.95 34.62 -2.40
N TYR C 103 16.31 35.62 -3.18
CA TYR C 103 15.91 36.99 -2.92
C TYR C 103 14.52 37.33 -3.44
N THR C 104 13.96 36.48 -4.28
CA THR C 104 12.58 36.63 -4.71
C THR C 104 11.69 35.57 -4.05
N GLU C 105 11.94 34.30 -4.38
CA GLU C 105 11.02 33.23 -3.98
C GLU C 105 11.04 32.94 -2.47
N MSE C 106 12.17 32.49 -1.94
CA MSE C 106 12.25 32.10 -0.52
C MSE C 106 11.96 33.26 0.41
O MSE C 106 11.22 33.14 1.39
CB MSE C 106 13.62 31.50 -0.20
CG MSE C 106 13.90 30.27 -0.99
SE MSE C 106 12.70 28.90 -0.36
CE MSE C 106 13.74 28.44 1.22
N LEU C 107 12.55 34.41 0.10
CA LEU C 107 12.31 35.57 0.93
C LEU C 107 10.84 35.99 0.91
N SER C 108 10.20 35.95 -0.25
CA SER C 108 8.80 36.39 -0.33
C SER C 108 7.91 35.44 0.50
N LEU C 109 8.29 34.16 0.55
CA LEU C 109 7.57 33.15 1.32
C LEU C 109 7.63 33.51 2.79
N LYS C 110 8.84 33.80 3.29
CA LYS C 110 9.00 34.21 4.68
C LYS C 110 8.22 35.49 4.98
N LEU C 111 8.33 36.48 4.09
CA LEU C 111 7.69 37.77 4.31
C LEU C 111 6.17 37.63 4.47
N THR C 112 5.55 36.87 3.57
CA THR C 112 4.09 36.75 3.62
C THR C 112 3.62 35.84 4.76
N TYR C 113 4.42 34.84 5.12
CA TYR C 113 4.14 34.03 6.31
C TYR C 113 4.04 34.93 7.55
N GLU C 114 5.09 35.71 7.74
CA GLU C 114 5.18 36.61 8.89
C GLU C 114 4.05 37.62 8.92
N SER C 115 3.76 38.23 7.77
CA SER C 115 2.64 39.17 7.68
C SER C 115 1.28 38.50 7.96
N ALA C 116 1.10 37.27 7.50
CA ALA C 116 -0.15 36.56 7.74
C ALA C 116 -0.40 36.35 9.24
N LEU C 117 0.66 36.02 9.98
CA LEU C 117 0.55 35.89 11.43
C LEU C 117 0.07 37.18 12.11
N GLN C 118 0.41 38.32 11.53
CA GLN C 118 -0.02 39.63 12.04
C GLN C 118 -1.32 40.10 11.36
N GLN C 119 -1.89 39.22 10.55
CA GLN C 119 -3.08 39.52 9.75
C GLN C 119 -2.91 40.81 8.94
N ASP C 120 -1.70 40.99 8.41
CA ASP C 120 -1.35 42.19 7.68
C ASP C 120 -1.43 41.94 6.18
N LEU C 121 -2.63 42.06 5.64
CA LEU C 121 -2.85 41.85 4.22
C LEU C 121 -2.19 42.94 3.35
N LYS C 122 -2.20 44.19 3.83
CA LYS C 122 -1.56 45.27 3.09
C LYS C 122 -0.11 44.96 2.75
N LYS C 123 0.65 44.46 3.72
CA LYS C 123 2.05 44.14 3.49
C LYS C 123 2.22 42.97 2.50
N ILE C 124 1.36 41.97 2.61
CA ILE C 124 1.38 40.83 1.67
C ILE C 124 1.20 41.35 0.25
N LEU C 125 0.20 42.20 0.05
CA LEU C 125 -0.07 42.72 -1.29
C LEU C 125 1.10 43.56 -1.81
N GLY C 126 1.74 44.29 -0.90
CA GLY C 126 2.89 45.13 -1.24
C GLY C 126 4.06 44.29 -1.72
N VAL C 127 4.28 43.15 -1.05
CA VAL C 127 5.33 42.20 -1.42
C VAL C 127 5.05 41.65 -2.83
N GLU C 128 3.81 41.28 -3.06
CA GLU C 128 3.40 40.73 -4.35
C GLU C 128 3.53 41.76 -5.47
N GLU C 129 3.36 43.04 -5.13
CA GLU C 129 3.52 44.13 -6.11
C GLU C 129 4.98 44.30 -6.51
N VAL C 130 5.87 44.32 -5.51
CA VAL C 130 7.32 44.40 -5.76
C VAL C 130 7.79 43.27 -6.68
N ILE C 131 7.39 42.04 -6.37
CA ILE C 131 7.80 40.88 -7.17
C ILE C 131 7.33 40.98 -8.61
N MSE C 132 6.07 41.34 -8.80
CA MSE C 132 5.47 41.44 -10.14
C MSE C 132 6.22 42.47 -11.01
O MSE C 132 6.51 42.22 -12.18
CB MSE C 132 3.98 41.78 -10.04
CG MSE C 132 3.27 41.97 -11.37
SE MSE C 132 3.55 43.75 -12.12
CE MSE C 132 2.27 44.69 -10.99
N LEU C 133 6.53 43.61 -10.41
CA LEU C 133 7.22 44.69 -11.12
C LEU C 133 8.64 44.26 -11.48
N SER C 134 9.20 43.37 -10.67
CA SER C 134 10.54 42.87 -10.89
C SER C 134 10.54 41.65 -11.81
N THR C 135 9.36 41.25 -12.29
CA THR C 135 9.23 40.03 -13.11
C THR C 135 9.04 40.35 -14.59
N SER C 136 9.92 39.79 -15.41
CA SER C 136 9.89 39.97 -16.86
C SER C 136 10.44 38.72 -17.54
N PRO C 137 9.99 38.43 -18.78
CA PRO C 137 9.02 39.17 -19.58
C PRO C 137 7.60 38.77 -19.20
N MSE C 138 6.61 39.32 -19.91
CA MSE C 138 5.21 39.08 -19.56
C MSE C 138 4.80 37.60 -19.53
O MSE C 138 3.88 37.24 -18.78
CB MSE C 138 4.27 39.95 -20.41
CG MSE C 138 4.23 39.65 -21.90
SE MSE C 138 2.64 38.62 -22.37
CE MSE C 138 3.51 36.96 -22.86
N GLU C 139 5.50 36.76 -20.30
CA GLU C 139 5.24 35.31 -20.33
C GLU C 139 5.40 34.72 -18.93
N LEU C 140 6.52 35.06 -18.29
CA LEU C 140 6.86 34.58 -16.95
C LEU C 140 5.96 35.19 -15.89
N ARG C 141 5.61 36.45 -16.07
CA ARG C 141 4.68 37.14 -15.19
C ARG C 141 3.32 36.44 -15.22
N LEU C 142 2.87 36.11 -16.43
CA LEU C 142 1.61 35.40 -16.62
C LEU C 142 1.64 34.01 -16.03
N ALA C 143 2.73 33.28 -16.27
CA ALA C 143 2.91 31.93 -15.76
C ALA C 143 2.94 31.90 -14.24
N ASN C 144 3.65 32.84 -13.63
CA ASN C 144 3.75 32.90 -12.17
C ASN C 144 2.44 33.26 -11.51
N GLN C 145 1.70 34.18 -12.12
CA GLN C 145 0.37 34.56 -11.67
C GLN C 145 -0.64 33.40 -11.76
N LYS C 146 -0.64 32.67 -12.88
CA LYS C 146 -1.54 31.50 -12.99
C LYS C 146 -1.19 30.44 -11.97
N LEU C 147 0.10 30.27 -11.70
CA LEU C 147 0.57 29.26 -10.77
C LEU C 147 0.09 29.59 -9.35
N GLY C 148 0.19 30.87 -8.99
CA GLY C 148 -0.30 31.33 -7.69
C GLY C 148 -1.78 31.16 -7.54
N ASN C 149 -2.53 31.59 -8.57
CA ASN C 149 -3.98 31.41 -8.55
C ASN C 149 -4.38 29.94 -8.48
N ARG C 150 -3.69 29.09 -9.23
CA ARG C 150 -4.00 27.65 -9.20
C ARG C 150 -3.68 27.04 -7.83
N PHE C 151 -2.59 27.46 -7.19
CA PHE C 151 -2.33 26.96 -5.81
C PHE C 151 -3.47 27.32 -4.85
N ILE C 152 -3.88 28.59 -4.87
CA ILE C 152 -5.03 29.03 -4.09
C ILE C 152 -6.30 28.23 -4.46
N LYS C 153 -6.60 28.12 -5.76
CA LYS C 153 -7.85 27.46 -6.15
C LYS C 153 -7.89 25.96 -5.85
N THR C 154 -6.74 25.32 -5.92
CA THR C 154 -6.65 23.91 -5.59
C THR C 154 -6.90 23.68 -4.10
N LEU C 155 -6.38 24.56 -3.24
CA LEU C 155 -6.71 24.48 -1.82
C LEU C 155 -8.20 24.69 -1.64
N GLN C 156 -8.75 25.72 -2.31
CA GLN C 156 -10.16 26.03 -2.14
C GLN C 156 -11.12 24.94 -2.62
N ALA C 157 -10.68 24.19 -3.63
CA ALA C 157 -11.49 23.07 -4.15
C ALA C 157 -11.64 21.94 -3.13
N MSE C 158 -10.70 21.84 -2.20
CA MSE C 158 -10.81 20.88 -1.11
CA MSE C 158 -10.76 20.89 -1.11
C MSE C 158 -11.72 21.44 -0.04
O MSE C 158 -11.27 22.06 0.95
CB MSE C 158 -9.45 20.48 -0.55
CB MSE C 158 -9.33 20.63 -0.58
CG MSE C 158 -8.70 19.51 -1.44
CG MSE C 158 -8.35 20.10 -1.67
SE MSE C 158 -7.02 19.08 -0.57
SE MSE C 158 -6.40 20.33 -1.41
CE MSE C 158 -6.12 20.81 -0.62
CE MSE C 158 -6.27 19.73 0.42
N ASN C 159 -13.02 21.26 -0.26
CA ASN C 159 -14.08 21.82 0.58
C ASN C 159 -14.03 21.42 2.04
N GLU C 160 -13.40 20.29 2.34
CA GLU C 160 -13.32 19.83 3.72
C GLU C 160 -12.10 20.39 4.44
N LEU C 161 -11.36 21.26 3.77
CA LEU C 161 -10.22 21.96 4.39
C LEU C 161 -10.63 23.40 4.65
N ASP C 162 -10.57 23.82 5.92
CA ASP C 162 -10.93 25.20 6.26
C ASP C 162 -9.66 26.04 6.35
N MSE C 163 -9.45 26.91 5.37
CA MSE C 163 -8.25 27.76 5.33
C MSE C 163 -8.34 28.94 6.28
O MSE C 163 -7.32 29.58 6.57
CB MSE C 163 -7.92 28.20 3.89
CG MSE C 163 -7.43 27.09 2.97
SE MSE C 163 -5.86 26.22 3.71
CE MSE C 163 -4.76 27.76 4.19
N GLY C 164 -9.54 29.23 6.76
CA GLY C 164 -9.75 30.33 7.70
C GLY C 164 -10.04 31.66 7.03
N GLU C 165 -10.51 32.60 7.85
CA GLU C 165 -10.92 33.94 7.41
C GLU C 165 -9.83 34.73 6.72
N PHE C 166 -8.63 34.73 7.30
CA PHE C 166 -7.56 35.55 6.73
C PHE C 166 -7.13 35.05 5.36
N PHE C 167 -6.97 33.74 5.22
CA PHE C 167 -6.62 33.18 3.92
C PHE C 167 -7.69 33.47 2.88
N ASN C 168 -8.95 33.27 3.28
CA ASN C 168 -10.11 33.57 2.42
C ASN C 168 -10.01 35.02 1.92
N ALA C 169 -9.73 35.94 2.84
CA ALA C 169 -9.59 37.37 2.54
C ALA C 169 -8.46 37.65 1.55
N TYR C 170 -7.29 37.05 1.81
CA TYR C 170 -6.14 37.16 0.92
C TYR C 170 -6.51 36.67 -0.48
N ALA C 171 -7.15 35.52 -0.52
CA ALA C 171 -7.52 34.90 -1.80
C ALA C 171 -8.40 35.82 -2.65
N GLN C 172 -9.28 36.56 -1.99
CA GLN C 172 -10.18 37.47 -2.70
C GLN C 172 -9.53 38.74 -3.22
N LYS C 173 -8.49 39.20 -2.51
CA LYS C 173 -7.86 40.47 -2.83
C LYS C 173 -6.59 40.36 -3.67
N THR C 174 -5.92 39.22 -3.63
CA THR C 174 -4.64 39.08 -4.31
C THR C 174 -4.75 39.41 -5.82
N LYS C 175 -3.76 40.12 -6.33
CA LYS C 175 -3.74 40.52 -7.73
C LYS C 175 -2.69 39.75 -8.51
N ASP C 176 -1.51 39.63 -7.91
CA ASP C 176 -0.40 38.91 -8.49
C ASP C 176 0.10 37.90 -7.47
N PRO C 177 -0.71 36.87 -7.20
CA PRO C 177 -0.24 35.83 -6.28
C PRO C 177 0.87 35.05 -6.95
N THR C 178 1.75 34.45 -6.15
CA THR C 178 2.74 33.53 -6.67
C THR C 178 2.64 32.29 -5.81
N HIS C 179 3.20 31.20 -6.30
CA HIS C 179 3.21 29.98 -5.52
C HIS C 179 3.85 30.27 -4.16
N ALA C 180 5.00 30.95 -4.14
CA ALA C 180 5.70 31.14 -2.85
C ALA C 180 4.94 32.04 -1.87
N THR C 181 4.39 33.15 -2.37
CA THR C 181 3.70 34.07 -1.47
C THR C 181 2.40 33.46 -0.95
N SER C 182 1.65 32.80 -1.82
CA SER C 182 0.41 32.17 -1.40
CA SER C 182 0.41 32.14 -1.43
C SER C 182 0.68 31.00 -0.45
N TYR C 183 1.76 30.28 -0.69
CA TYR C 183 2.15 29.18 0.22
C TYR C 183 2.52 29.72 1.59
N GLY C 184 3.22 30.86 1.61
CA GLY C 184 3.52 31.53 2.88
C GLY C 184 2.26 31.81 3.68
N VAL C 185 1.23 32.34 3.03
CA VAL C 185 -0.03 32.66 3.72
C VAL C 185 -0.71 31.37 4.16
N PHE C 186 -0.72 30.35 3.29
CA PHE C 186 -1.29 29.05 3.62
C PHE C 186 -0.64 28.45 4.87
N ALA C 187 0.68 28.47 4.92
CA ALA C 187 1.37 27.82 6.03
C ALA C 187 1.12 28.56 7.35
N ALA C 188 1.19 29.88 7.33
CA ALA C 188 0.86 30.66 8.54
C ALA C 188 -0.59 30.40 8.97
N SER C 189 -1.50 30.39 8.02
CA SER C 189 -2.94 30.22 8.33
C SER C 189 -3.27 28.92 9.05
N LEU C 190 -2.52 27.87 8.75
CA LEU C 190 -2.75 26.57 9.37
C LEU C 190 -1.81 26.28 10.56
N GLY C 191 -0.92 27.22 10.87
CA GLY C 191 0.00 27.08 12.00
C GLY C 191 1.13 26.09 11.75
N ILE C 192 1.53 25.96 10.49
CA ILE C 192 2.68 25.13 10.14
C ILE C 192 3.94 25.95 10.46
N GLU C 193 4.89 25.32 11.17
CA GLU C 193 6.14 25.97 11.53
C GLU C 193 6.86 26.52 10.27
N LEU C 194 7.37 27.75 10.35
CA LEU C 194 8.04 28.38 9.20
C LEU C 194 9.22 27.58 8.61
N LYS C 195 10.15 27.16 9.44
CA LYS C 195 11.34 26.45 8.96
C LYS C 195 10.93 25.18 8.20
N LYS C 196 10.03 24.42 8.79
CA LYS C 196 9.49 23.23 8.14
C LYS C 196 8.84 23.58 6.79
N ALA C 197 8.01 24.64 6.79
CA ALA C 197 7.35 25.06 5.57
C ALA C 197 8.37 25.39 4.50
N LEU C 198 9.42 26.12 4.90
CA LEU C 198 10.51 26.48 3.98
C LEU C 198 11.23 25.26 3.45
N ARG C 199 11.55 24.35 4.35
CA ARG C 199 12.29 23.13 4.02
C ARG C 199 11.55 22.33 2.94
N HIS C 200 10.27 22.08 3.15
CA HIS C 200 9.52 21.28 2.18
C HIS C 200 9.34 22.01 0.84
N TYR C 201 9.13 23.33 0.89
CA TYR C 201 8.95 24.09 -0.34
C TYR C 201 10.26 24.07 -1.12
N LEU C 202 11.36 24.36 -0.43
CA LEU C 202 12.66 24.39 -1.09
C LEU C 202 13.03 23.03 -1.68
N TYR C 203 12.74 21.96 -0.93
CA TYR C 203 13.05 20.65 -1.47
C TYR C 203 12.24 20.38 -2.75
N ALA C 204 10.95 20.70 -2.70
CA ALA C 204 10.11 20.44 -3.86
C ALA C 204 10.61 21.17 -5.10
N GLN C 205 10.99 22.43 -4.93
CA GLN C 205 11.39 23.23 -6.07
C GLN C 205 12.71 22.73 -6.61
N THR C 206 13.59 22.33 -5.69
CA THR C 206 14.91 21.81 -6.09
C THR C 206 14.79 20.46 -6.78
N SER C 207 13.93 19.58 -6.27
CA SER C 207 13.65 18.33 -6.97
C SER C 207 13.20 18.58 -8.41
N ASN C 208 12.31 19.56 -8.58
CA ASN C 208 11.80 19.90 -9.90
C ASN C 208 12.93 20.38 -10.83
N MSE C 209 13.82 21.21 -10.29
CA MSE C 209 14.96 21.72 -11.06
C MSE C 209 15.88 20.59 -11.48
O MSE C 209 16.36 20.56 -12.63
CB MSE C 209 15.77 22.73 -10.27
CG MSE C 209 14.98 23.92 -9.85
SE MSE C 209 16.06 25.11 -8.78
CE MSE C 209 17.41 23.98 -7.97
N VAL C 210 16.15 19.67 -10.55
CA VAL C 210 17.02 18.52 -10.84
C VAL C 210 16.39 17.61 -11.90
N ILE C 211 15.10 17.28 -11.75
CA ILE C 211 14.33 16.57 -12.78
C ILE C 211 14.49 17.21 -14.17
N ASN C 212 14.35 18.53 -14.24
CA ASN C 212 14.46 19.23 -15.52
C ASN C 212 15.84 19.03 -16.09
N CYS C 213 16.87 19.05 -15.24
CA CYS C 213 18.24 18.79 -15.72
C CYS C 213 18.36 17.35 -16.22
N VAL C 214 17.86 16.41 -15.42
CA VAL C 214 17.95 15.02 -15.81
C VAL C 214 17.33 14.78 -17.19
N LYS C 215 16.15 15.36 -17.41
CA LYS C 215 15.42 15.22 -18.66
C LYS C 215 16.10 15.94 -19.81
N SER C 216 16.48 17.19 -19.57
CA SER C 216 16.84 18.13 -20.65
C SER C 216 18.30 18.11 -21.06
N VAL C 217 19.21 17.74 -20.16
CA VAL C 217 20.65 17.79 -20.49
C VAL C 217 21.06 16.79 -21.58
N PRO C 218 20.75 15.49 -21.41
CA PRO C 218 20.17 14.79 -20.27
C PRO C 218 21.24 14.35 -19.26
N LEU C 219 20.80 13.90 -18.08
CA LEU C 219 21.69 13.29 -17.11
C LEU C 219 21.14 11.92 -16.72
N SER C 220 21.97 11.09 -16.08
CA SER C 220 21.50 9.82 -15.54
C SER C 220 20.67 10.03 -14.29
N GLN C 221 19.74 9.12 -14.04
CA GLN C 221 18.92 9.21 -12.83
C GLN C 221 19.80 9.26 -11.58
N ASN C 222 20.87 8.45 -11.55
CA ASN C 222 21.74 8.43 -10.40
C ASN C 222 22.57 9.71 -10.22
N ASP C 223 22.93 10.36 -11.33
CA ASP C 223 23.59 11.67 -11.26
C ASP C 223 22.66 12.71 -10.64
N GLY C 224 21.38 12.62 -11.00
CA GLY C 224 20.34 13.47 -10.42
C GLY C 224 20.30 13.30 -8.91
N GLN C 225 20.37 12.05 -8.44
CA GLN C 225 20.40 11.79 -7.01
C GLN C 225 21.68 12.27 -6.32
N LYS C 226 22.81 12.15 -7.00
CA LYS C 226 24.06 12.69 -6.46
C LYS C 226 24.00 14.19 -6.32
N ILE C 227 23.47 14.86 -7.33
CA ILE C 227 23.29 16.31 -7.30
C ILE C 227 22.42 16.68 -6.11
N LEU C 228 21.29 15.99 -5.96
CA LEU C 228 20.39 16.30 -4.87
C LEU C 228 21.06 16.16 -3.51
N LEU C 229 21.85 15.11 -3.33
CA LEU C 229 22.56 14.91 -2.07
C LEU C 229 23.56 16.05 -1.86
N SER C 230 24.31 16.38 -2.92
CA SER C 230 25.27 17.49 -2.90
C SER C 230 24.66 18.84 -2.53
N LEU C 231 23.39 19.01 -2.87
CA LEU C 231 22.72 20.28 -2.63
C LEU C 231 22.24 20.46 -1.19
N GLN C 232 22.38 19.42 -0.35
CA GLN C 232 21.85 19.47 1.01
C GLN C 232 22.50 20.55 1.89
N SER C 233 23.81 20.75 1.74
CA SER C 233 24.47 21.81 2.48
C SER C 233 24.06 23.19 1.95
N PRO C 234 24.17 23.42 0.63
CA PRO C 234 23.57 24.65 0.08
C PRO C 234 22.12 24.92 0.52
N PHE C 235 21.28 23.88 0.59
CA PHE C 235 19.89 24.03 1.07
C PHE C 235 19.81 24.64 2.44
N ASN C 236 20.55 24.07 3.38
CA ASN C 236 20.56 24.56 4.74
C ASN C 236 21.06 26.00 4.84
N GLN C 237 22.09 26.32 4.05
CA GLN C 237 22.60 27.68 4.00
C GLN C 237 21.53 28.65 3.49
N LEU C 238 20.78 28.22 2.48
CA LEU C 238 19.71 29.04 1.94
C LEU C 238 18.64 29.33 2.99
N ILE C 239 18.26 28.29 3.74
CA ILE C 239 17.24 28.43 4.76
C ILE C 239 17.68 29.40 5.86
N GLU C 240 18.90 29.21 6.35
CA GLU C 240 19.47 30.11 7.34
C GLU C 240 19.55 31.56 6.83
N LYS C 241 20.03 31.75 5.60
CA LYS C 241 20.11 33.08 5.01
C LYS C 241 18.74 33.73 4.88
N THR C 242 17.76 32.95 4.41
CA THR C 242 16.38 33.40 4.25
C THR C 242 15.81 34.04 5.51
N LEU C 243 16.04 33.40 6.65
CA LEU C 243 15.60 33.95 7.93
C LEU C 243 16.34 35.23 8.31
N GLU C 244 17.56 35.40 7.81
CA GLU C 244 18.37 36.60 8.08
C GLU C 244 17.82 37.83 7.37
N LEU C 245 17.30 37.62 6.16
CA LEU C 245 16.91 38.72 5.27
C LEU C 245 15.63 39.45 5.71
N ASP C 246 15.40 40.62 5.12
CA ASP C 246 14.17 41.38 5.35
C ASP C 246 13.65 41.94 4.03
N GLU C 247 12.59 42.73 4.09
CA GLU C 247 11.95 43.28 2.89
C GLU C 247 12.88 44.10 1.97
N SER C 248 13.93 44.70 2.53
CA SER C 248 14.83 45.53 1.73
C SER C 248 15.67 44.71 0.73
N HIS C 249 15.72 43.39 0.95
CA HIS C 249 16.50 42.50 0.10
C HIS C 249 15.66 41.90 -1.02
N LEU C 250 14.35 42.10 -0.94
CA LEU C 250 13.40 41.51 -1.87
C LEU C 250 13.69 41.94 -3.30
N CYS C 251 13.80 40.94 -4.19
CA CYS C 251 14.01 41.17 -5.62
C CYS C 251 15.31 41.91 -5.97
N THR C 252 16.32 41.80 -5.11
CA THR C 252 17.60 42.49 -5.35
C THR C 252 18.64 41.63 -6.09
N ALA C 253 18.39 40.34 -6.21
CA ALA C 253 19.30 39.42 -6.91
C ALA C 253 18.77 38.99 -8.27
C1 GOL D . -6.22 -23.03 21.48
O1 GOL D . -7.43 -23.39 22.12
C2 GOL D . -6.16 -21.55 21.11
O2 GOL D . -5.21 -21.37 20.07
C3 GOL D . -7.54 -21.00 20.74
O3 GOL D . -7.52 -20.23 19.56
#